data_2ETF
#
_entry.id   2ETF
#
_cell.length_a   139.330
_cell.length_b   101.940
_cell.length_c   104.320
_cell.angle_alpha   90.00
_cell.angle_beta   129.61
_cell.angle_gamma   90.00
#
_symmetry.space_group_name_H-M   'C 1 2 1'
#
loop_
_entity.id
_entity.type
_entity.pdbx_description
1 polymer 'Botulinum neurotoxin B light chain'
2 non-polymer 'ZINC ION'
3 non-polymer 'SULFATE ION'
4 water water
#
_entity_poly.entity_id   1
_entity_poly.type   'polypeptide(L)'
_entity_poly.pdbx_seq_one_letter_code
;MPVTINNFNYNDPIDNNNIIMMEPPFARGTGRYYKAFKITDRIWIIPERYTFGYKPEDFNKSSGIFNRDV(CSD)EYYDP
DYLNTNDKKNIFLQTMIKLFNRIKSKPLGEKLLEMIINGIPYLGDRRVPLEEFNTNIASVTVNKLISNPGEVERKKGIFA
NLIIFGPGPVLNENETIDIGIQNHFASREGFGGIMQMKFCPEYVSVFNNVQENKGASIFNRRGYFSDPALILMHELIHVL
HGLYGIKVDDLPIVPNEKKFFMQSTDAIQAEELYTFGGQDPSIITPSTDKSIYDKVLQNFRGIVDRLNKVLVCISDPNIN
INIYKNKFKDKYKFVEDSEGKYSIDVESFDKLYKSLMFGFTETNIAENYKIKTRASYFSDSLPPVKIKNLLDNEIYTIEE
GFNISDKDMEKEYRGQNKAINKQAYEEISKEHLAVYKIQMCKSVK
;
_entity_poly.pdbx_strand_id   A,B
#
loop_
_chem_comp.id
_chem_comp.type
_chem_comp.name
_chem_comp.formula
SO4 non-polymer 'SULFATE ION' 'O4 S -2'
ZN non-polymer 'ZINC ION' 'Zn 2'
#
# COMPACT_ATOMS: atom_id res chain seq x y z
N PRO A 2 -11.74 14.31 0.27
CA PRO A 2 -11.40 15.75 0.28
C PRO A 2 -12.22 16.49 1.35
N VAL A 3 -11.58 17.39 2.07
CA VAL A 3 -12.23 18.17 3.13
C VAL A 3 -12.85 19.46 2.63
N THR A 4 -14.14 19.62 2.91
CA THR A 4 -14.91 20.81 2.54
C THR A 4 -15.02 21.66 3.80
N ILE A 5 -14.75 22.94 3.65
CA ILE A 5 -14.84 23.88 4.76
C ILE A 5 -16.03 24.81 4.52
N ASN A 6 -17.08 24.54 5.29
CA ASN A 6 -18.36 25.24 5.23
C ASN A 6 -18.31 26.73 5.54
N ASN A 7 -19.32 27.45 5.05
CA ASN A 7 -19.45 28.89 5.24
C ASN A 7 -20.81 29.24 5.84
N PHE A 8 -20.77 30.21 6.77
CA PHE A 8 -21.93 30.73 7.49
C PHE A 8 -21.52 32.01 8.20
N ASN A 9 -22.52 32.74 8.70
CA ASN A 9 -22.29 33.97 9.47
C ASN A 9 -22.97 33.66 10.82
N TYR A 10 -22.59 34.35 11.90
CA TYR A 10 -23.19 34.08 13.22
C TYR A 10 -24.70 34.27 13.24
N ASN A 11 -25.16 35.34 12.59
CA ASN A 11 -26.58 35.66 12.53
C ASN A 11 -27.44 34.79 11.60
N ASP A 12 -26.79 33.91 10.83
CA ASP A 12 -27.47 32.98 9.91
C ASP A 12 -28.39 32.08 10.76
N PRO A 13 -29.67 31.92 10.36
CA PRO A 13 -30.63 31.08 11.10
C PRO A 13 -30.30 29.61 11.27
N ILE A 14 -30.90 29.01 12.30
CA ILE A 14 -30.74 27.59 12.62
C ILE A 14 -31.44 26.72 11.57
N ASP A 15 -30.70 25.75 11.04
CA ASP A 15 -31.20 24.85 9.99
C ASP A 15 -31.25 23.36 10.32
N ASN A 16 -30.68 22.99 11.48
CA ASN A 16 -30.60 21.61 11.96
C ASN A 16 -29.78 20.65 11.05
N ASN A 17 -28.68 21.22 10.55
CA ASN A 17 -27.70 20.56 9.67
C ASN A 17 -26.31 21.12 10.02
N ASN A 18 -26.01 22.33 9.53
CA ASN A 18 -24.73 22.97 9.80
C ASN A 18 -24.76 23.97 10.95
N ILE A 19 -25.95 24.46 11.28
CA ILE A 19 -26.12 25.42 12.39
C ILE A 19 -27.20 24.87 13.32
N ILE A 20 -26.81 24.50 14.55
CA ILE A 20 -27.75 23.93 15.53
C ILE A 20 -27.56 24.51 16.93
N MET A 21 -28.36 24.01 17.85
CA MET A 21 -28.27 24.35 19.26
C MET A 21 -27.77 23.02 19.83
N MET A 22 -26.52 22.99 20.32
CA MET A 22 -26.01 21.74 20.85
C MET A 22 -25.57 21.89 22.30
N GLU A 23 -25.81 20.79 23.03
CA GLU A 23 -25.45 20.63 24.43
C GLU A 23 -24.04 20.00 24.45
N PRO A 24 -23.01 20.75 24.88
CA PRO A 24 -21.61 20.30 24.97
C PRO A 24 -21.42 19.12 25.95
N PRO A 25 -20.34 18.31 25.82
CA PRO A 25 -20.08 17.16 26.69
C PRO A 25 -20.19 17.31 28.20
N PHE A 26 -19.58 18.36 28.74
CA PHE A 26 -19.61 18.62 30.18
C PHE A 26 -20.94 19.12 30.69
N ALA A 27 -21.80 19.54 29.76
CA ALA A 27 -23.14 20.03 30.09
C ALA A 27 -24.20 18.99 29.71
N ARG A 28 -23.78 17.74 29.50
CA ARG A 28 -24.69 16.64 29.14
C ARG A 28 -25.76 16.38 30.19
N GLY A 29 -27.01 16.29 29.73
CA GLY A 29 -28.13 16.05 30.63
C GLY A 29 -28.77 17.32 31.14
N THR A 30 -27.97 18.38 31.26
CA THR A 30 -28.41 19.69 31.73
C THR A 30 -28.77 20.47 30.47
N GLY A 31 -30.07 20.65 30.23
CA GLY A 31 -30.60 21.32 29.04
C GLY A 31 -30.14 22.69 28.57
N ARG A 32 -28.83 22.96 28.61
CA ARG A 32 -28.25 24.22 28.17
C ARG A 32 -27.66 24.00 26.79
N TYR A 33 -28.22 24.67 25.79
CA TYR A 33 -27.76 24.56 24.41
C TYR A 33 -27.17 25.88 23.93
N TYR A 34 -26.12 25.79 23.11
CA TYR A 34 -25.45 26.96 22.55
C TYR A 34 -25.41 26.83 21.04
N LYS A 35 -25.39 27.96 20.32
CA LYS A 35 -25.36 27.97 18.84
C LYS A 35 -24.03 27.41 18.30
N ALA A 36 -24.13 26.23 17.69
CA ALA A 36 -22.96 25.53 17.13
C ALA A 36 -22.88 25.51 15.62
N PHE A 37 -21.68 25.70 15.10
CA PHE A 37 -21.42 25.76 13.67
C PHE A 37 -20.48 24.67 13.12
N LYS A 38 -21.00 23.80 12.26
CA LYS A 38 -20.22 22.70 11.66
C LYS A 38 -19.27 23.24 10.60
N ILE A 39 -18.00 23.36 10.95
CA ILE A 39 -17.00 23.88 10.01
C ILE A 39 -16.58 22.83 8.96
N THR A 40 -16.60 21.56 9.36
CA THR A 40 -16.31 20.39 8.50
C THR A 40 -17.06 19.27 9.19
N ASP A 41 -17.13 18.09 8.56
CA ASP A 41 -17.80 16.92 9.15
C ASP A 41 -17.11 16.63 10.49
N ARG A 42 -17.91 16.33 11.51
CA ARG A 42 -17.44 15.99 12.87
C ARG A 42 -16.77 17.10 13.71
N ILE A 43 -16.48 18.25 13.10
CA ILE A 43 -15.83 19.37 13.81
C ILE A 43 -16.78 20.57 13.92
N TRP A 44 -17.04 20.99 15.15
CA TRP A 44 -17.95 22.10 15.41
C TRP A 44 -17.25 23.26 16.09
N ILE A 45 -17.82 24.45 15.96
CA ILE A 45 -17.29 25.64 16.61
C ILE A 45 -18.44 26.29 17.35
N ILE A 46 -18.22 26.56 18.63
CA ILE A 46 -19.20 27.24 19.46
C ILE A 46 -18.44 28.54 19.83
N PRO A 47 -18.72 29.67 19.14
CA PRO A 47 -18.06 30.96 19.39
C PRO A 47 -18.47 31.66 20.69
N GLU A 48 -18.27 30.95 21.80
CA GLU A 48 -18.57 31.41 23.15
C GLU A 48 -17.31 31.12 23.95
N ARG A 49 -17.20 31.75 25.11
CA ARG A 49 -16.08 31.56 26.01
C ARG A 49 -16.21 30.24 26.75
N TYR A 50 -15.08 29.60 27.02
CA TYR A 50 -15.03 28.33 27.75
C TYR A 50 -15.18 28.64 29.25
N THR A 51 -16.34 28.27 29.79
CA THR A 51 -16.69 28.52 31.20
C THR A 51 -16.73 27.29 32.11
N PHE A 52 -16.42 26.11 31.57
CA PHE A 52 -16.45 24.86 32.32
C PHE A 52 -15.35 24.75 33.37
N GLY A 53 -15.77 24.72 34.63
CA GLY A 53 -14.85 24.63 35.77
C GLY A 53 -14.26 25.98 36.13
N TYR A 54 -14.96 27.05 35.75
CA TYR A 54 -14.53 28.43 36.01
C TYR A 54 -15.69 29.30 36.51
N LYS A 55 -15.33 30.27 37.35
CA LYS A 55 -16.27 31.24 37.93
C LYS A 55 -16.10 32.54 37.12
N PRO A 56 -17.18 33.36 36.97
CA PRO A 56 -17.08 34.61 36.21
C PRO A 56 -15.98 35.61 36.60
N GLU A 57 -15.52 35.53 37.85
CA GLU A 57 -14.46 36.41 38.38
C GLU A 57 -13.06 36.04 37.87
N ASP A 58 -12.90 34.79 37.43
CA ASP A 58 -11.63 34.26 36.91
C ASP A 58 -11.28 34.92 35.58
N PHE A 59 -12.31 35.39 34.88
CA PHE A 59 -12.19 36.06 33.59
C PHE A 59 -11.69 37.50 33.67
N ASN A 60 -11.79 38.10 34.85
CA ASN A 60 -11.37 39.49 35.07
C ASN A 60 -9.87 39.68 35.12
N LYS A 61 -9.42 40.89 34.79
CA LYS A 61 -8.02 41.28 34.82
C LYS A 61 -7.62 41.46 36.28
N SER A 62 -6.32 41.49 36.56
CA SER A 62 -5.83 41.70 37.93
C SER A 62 -6.15 43.15 38.30
N SER A 63 -6.26 43.41 39.60
CA SER A 63 -6.60 44.73 40.13
C SER A 63 -5.87 45.98 39.59
N GLY A 64 -4.66 45.79 39.06
CA GLY A 64 -3.89 46.90 38.50
C GLY A 64 -2.63 46.46 37.78
N ILE A 65 -1.84 47.42 37.30
CA ILE A 65 -0.60 47.15 36.55
C ILE A 65 0.54 46.40 37.27
N PHE A 66 0.74 46.72 38.55
CA PHE A 66 1.80 46.13 39.37
C PHE A 66 1.67 44.62 39.63
N ASN A 67 0.44 44.11 39.64
CA ASN A 67 0.25 42.67 39.84
C ASN A 67 -0.18 41.89 38.59
N ARG A 68 -0.01 42.51 37.42
CA ARG A 68 -0.32 41.86 36.15
C ARG A 68 0.83 40.97 35.73
N ASP A 69 0.47 39.89 35.06
CA ASP A 69 1.44 38.94 34.53
C ASP A 69 1.30 39.08 33.02
N VAL A 70 2.37 39.56 32.38
CA VAL A 70 2.41 39.77 30.94
C VAL A 70 2.28 38.48 30.10
N CSD A 71 2.59 37.36 30.75
CA CSD A 71 2.54 36.04 30.14
CB CSD A 71 3.46 35.08 30.90
SG CSD A 71 5.21 35.30 30.66
C CSD A 71 1.10 35.49 30.13
O CSD A 71 0.80 34.50 29.45
OD1 CSD A 71 5.63 35.83 29.41
OD2 CSD A 71 6.09 34.98 31.74
N GLU A 72 0.23 36.13 30.92
CA GLU A 72 -1.19 35.74 31.02
C GLU A 72 -2.11 36.93 30.74
N TYR A 73 -2.78 36.94 29.58
CA TYR A 73 -3.70 38.03 29.23
C TYR A 73 -5.18 37.70 29.47
N TYR A 74 -5.84 38.62 30.16
CA TYR A 74 -7.26 38.50 30.51
C TYR A 74 -8.05 39.63 29.84
N ASP A 75 -9.31 39.35 29.48
CA ASP A 75 -10.22 40.30 28.83
C ASP A 75 -11.59 39.65 28.91
N PRO A 76 -12.42 40.02 29.92
CA PRO A 76 -13.77 39.44 30.07
C PRO A 76 -14.76 39.88 28.98
N ASP A 77 -14.39 40.92 28.23
CA ASP A 77 -15.20 41.49 27.15
C ASP A 77 -14.97 40.84 25.79
N TYR A 78 -14.14 39.79 25.73
CA TYR A 78 -13.87 39.09 24.48
C TYR A 78 -15.09 38.19 24.23
N LEU A 79 -15.60 38.19 22.99
CA LEU A 79 -16.78 37.42 22.57
C LEU A 79 -18.12 37.82 23.24
N ASN A 80 -18.24 39.05 23.72
CA ASN A 80 -19.48 39.50 24.37
C ASN A 80 -20.62 39.97 23.46
N THR A 81 -20.32 40.22 22.18
CA THR A 81 -21.34 40.66 21.21
C THR A 81 -21.53 39.64 20.07
N ASN A 82 -22.63 39.78 19.34
CA ASN A 82 -22.96 38.91 18.20
C ASN A 82 -21.96 39.09 17.04
N ASP A 83 -21.43 40.32 16.92
CA ASP A 83 -20.47 40.67 15.88
C ASP A 83 -19.06 40.13 16.17
N LYS A 84 -18.69 40.06 17.46
CA LYS A 84 -17.38 39.54 17.89
C LYS A 84 -17.40 38.03 17.68
N LYS A 85 -18.58 37.43 17.86
CA LYS A 85 -18.78 36.01 17.67
C LYS A 85 -18.72 35.65 16.18
N ASN A 86 -18.99 36.64 15.33
CA ASN A 86 -18.94 36.47 13.88
C ASN A 86 -17.50 36.62 13.39
N ILE A 87 -16.78 37.57 13.99
CA ILE A 87 -15.36 37.82 13.67
C ILE A 87 -14.58 36.54 13.99
N PHE A 88 -14.96 35.86 15.08
CA PHE A 88 -14.35 34.61 15.52
C PHE A 88 -14.56 33.49 14.49
N LEU A 89 -15.82 33.30 14.09
CA LEU A 89 -16.19 32.28 13.10
C LEU A 89 -15.49 32.43 11.76
N GLN A 90 -15.44 33.66 11.25
CA GLN A 90 -14.80 33.96 9.97
C GLN A 90 -13.27 33.81 10.05
N THR A 91 -12.70 34.07 11.23
CA THR A 91 -11.27 33.92 11.44
C THR A 91 -10.92 32.42 11.46
N MET A 92 -11.81 31.62 12.04
CA MET A 92 -11.64 30.17 12.14
C MET A 92 -11.77 29.50 10.77
N ILE A 93 -12.67 30.01 9.93
CA ILE A 93 -12.89 29.48 8.57
C ILE A 93 -11.64 29.76 7.75
N LYS A 94 -11.06 30.95 7.94
CA LYS A 94 -9.85 31.36 7.24
C LYS A 94 -8.65 30.51 7.69
N LEU A 95 -8.60 30.19 8.98
CA LEU A 95 -7.51 29.38 9.53
C LEU A 95 -7.61 27.92 9.11
N PHE A 96 -8.83 27.42 8.97
CA PHE A 96 -9.07 26.06 8.54
C PHE A 96 -8.75 25.95 7.05
N ASN A 97 -9.03 27.02 6.30
CA ASN A 97 -8.76 27.08 4.87
C ASN A 97 -7.26 27.14 4.64
N ARG A 98 -6.54 27.66 5.64
CA ARG A 98 -5.08 27.75 5.60
C ARG A 98 -4.48 26.38 5.91
N ILE A 99 -5.14 25.63 6.79
CA ILE A 99 -4.68 24.30 7.17
C ILE A 99 -4.80 23.35 5.98
N LYS A 100 -5.92 23.39 5.27
CA LYS A 100 -6.11 22.53 4.11
C LYS A 100 -5.45 23.04 2.83
N SER A 101 -4.77 24.18 2.88
CA SER A 101 -4.13 24.74 1.70
C SER A 101 -2.92 23.94 1.20
N LYS A 102 -2.38 23.06 2.06
CA LYS A 102 -1.24 22.20 1.72
C LYS A 102 -1.58 20.74 2.09
N PRO A 103 -0.88 19.73 1.48
CA PRO A 103 -1.15 18.32 1.77
C PRO A 103 -1.06 17.78 3.22
N LEU A 104 -0.10 18.29 3.99
CA LEU A 104 0.10 17.84 5.37
C LEU A 104 -1.07 18.15 6.31
N GLY A 105 -1.59 19.38 6.22
CA GLY A 105 -2.72 19.80 7.04
C GLY A 105 -4.04 19.23 6.58
N GLU A 106 -4.11 18.92 5.28
CA GLU A 106 -5.30 18.34 4.65
C GLU A 106 -5.49 16.94 5.22
N LYS A 107 -4.38 16.19 5.32
CA LYS A 107 -4.39 14.83 5.86
C LYS A 107 -4.64 14.85 7.37
N LEU A 108 -4.18 15.91 8.06
CA LEU A 108 -4.40 16.07 9.51
C LEU A 108 -5.89 16.19 9.79
N LEU A 109 -6.57 17.02 8.99
CA LEU A 109 -8.02 17.22 9.12
C LEU A 109 -8.76 15.94 8.77
N GLU A 110 -8.27 15.18 7.79
CA GLU A 110 -8.87 13.91 7.36
C GLU A 110 -8.72 12.83 8.43
N MET A 111 -7.55 12.81 9.08
CA MET A 111 -7.27 11.85 10.15
C MET A 111 -8.13 12.15 11.39
N ILE A 112 -8.41 13.43 11.61
CA ILE A 112 -9.25 13.90 12.73
C ILE A 112 -10.70 13.51 12.47
N ILE A 113 -11.16 13.72 11.23
CA ILE A 113 -12.52 13.42 10.81
C ILE A 113 -12.80 11.91 10.80
N ASN A 114 -11.84 11.13 10.30
CA ASN A 114 -11.98 9.67 10.22
C ASN A 114 -11.68 8.97 11.54
N GLY A 115 -11.10 9.71 12.48
CA GLY A 115 -10.76 9.15 13.79
C GLY A 115 -11.92 9.19 14.77
N ILE A 116 -13.05 8.62 14.36
CA ILE A 116 -14.28 8.57 15.15
C ILE A 116 -14.09 7.85 16.49
N PRO A 117 -14.54 8.47 17.62
CA PRO A 117 -14.40 7.83 18.93
C PRO A 117 -15.05 6.46 18.93
N TYR A 118 -14.45 5.50 19.64
CA TYR A 118 -15.02 4.16 19.75
C TYR A 118 -16.38 4.34 20.44
N LEU A 119 -17.38 3.58 20.01
CA LEU A 119 -18.72 3.65 20.59
C LEU A 119 -18.75 3.04 21.99
N GLY A 120 -18.01 3.65 22.91
CA GLY A 120 -17.95 3.18 24.27
C GLY A 120 -16.69 3.63 25.01
N ASP A 121 -16.57 3.16 26.25
CA ASP A 121 -15.41 3.41 27.10
C ASP A 121 -15.20 2.18 27.98
N ARG A 122 -14.31 2.26 28.98
CA ARG A 122 -14.01 1.13 29.86
C ARG A 122 -15.14 0.55 30.70
N ARG A 123 -16.21 1.34 30.88
CA ARG A 123 -17.38 0.95 31.68
C ARG A 123 -18.34 0.09 30.88
N VAL A 124 -18.19 0.17 29.55
CA VAL A 124 -19.02 -0.55 28.60
C VAL A 124 -18.56 -2.01 28.46
N PRO A 125 -19.49 -2.99 28.54
CA PRO A 125 -19.16 -4.42 28.40
C PRO A 125 -18.47 -4.72 27.05
N LEU A 126 -17.57 -5.69 27.03
CA LEU A 126 -16.82 -6.08 25.83
C LEU A 126 -17.70 -6.47 24.65
N GLU A 127 -18.89 -6.99 24.95
CA GLU A 127 -19.83 -7.42 23.91
C GLU A 127 -20.81 -6.35 23.43
N GLU A 128 -20.62 -5.11 23.88
CA GLU A 128 -21.54 -4.04 23.52
C GLU A 128 -20.91 -2.74 22.99
N PHE A 129 -21.67 -2.05 22.13
CA PHE A 129 -21.32 -0.73 21.61
C PHE A 129 -22.31 0.16 22.39
N ASN A 130 -21.88 1.32 22.88
CA ASN A 130 -22.76 2.23 23.62
C ASN A 130 -22.49 3.67 23.19
N THR A 131 -23.49 4.29 22.57
CA THR A 131 -23.39 5.68 22.10
C THR A 131 -23.92 6.71 23.09
N ASN A 132 -24.58 6.22 24.14
CA ASN A 132 -25.19 7.05 25.19
C ASN A 132 -24.20 7.53 26.27
N ILE A 133 -23.07 8.07 25.85
CA ILE A 133 -22.07 8.62 26.78
C ILE A 133 -21.56 9.96 26.23
N ALA A 134 -21.04 10.82 27.12
CA ALA A 134 -20.53 12.15 26.74
C ALA A 134 -19.32 12.17 25.80
N SER A 135 -18.57 11.06 25.78
CA SER A 135 -17.38 10.96 24.94
C SER A 135 -17.66 10.49 23.50
N VAL A 136 -18.88 10.02 23.25
CA VAL A 136 -19.26 9.55 21.91
C VAL A 136 -20.32 10.45 21.24
N THR A 137 -21.34 10.89 21.99
CA THR A 137 -22.38 11.77 21.43
C THR A 137 -22.65 13.05 22.21
N VAL A 138 -23.22 14.03 21.52
CA VAL A 138 -23.64 15.31 22.11
C VAL A 138 -25.09 15.52 21.69
N ASN A 139 -25.89 16.09 22.58
CA ASN A 139 -27.30 16.34 22.29
C ASN A 139 -27.55 17.55 21.42
N LYS A 140 -28.44 17.37 20.45
CA LYS A 140 -28.82 18.41 19.49
C LYS A 140 -30.29 18.76 19.73
N LEU A 141 -30.59 20.05 19.86
CA LEU A 141 -31.98 20.49 20.06
C LEU A 141 -32.67 20.57 18.71
N ILE A 142 -33.69 19.73 18.53
CA ILE A 142 -34.45 19.68 17.28
C ILE A 142 -35.81 20.40 17.31
N SER A 143 -36.16 20.95 18.47
CA SER A 143 -37.41 21.70 18.64
C SER A 143 -37.18 23.20 18.41
N ASN A 144 -38.24 23.90 17.98
CA ASN A 144 -38.20 25.34 17.69
C ASN A 144 -38.31 26.17 18.99
N PRO A 145 -37.81 27.44 19.01
CA PRO A 145 -37.93 28.24 20.25
C PRO A 145 -39.37 28.47 20.71
N GLY A 146 -39.58 28.38 22.01
CA GLY A 146 -40.91 28.56 22.58
C GLY A 146 -41.71 27.27 22.60
N GLU A 147 -41.02 26.14 22.42
CA GLU A 147 -41.64 24.83 22.45
C GLU A 147 -40.87 23.99 23.47
N VAL A 148 -41.52 22.97 24.03
CA VAL A 148 -40.87 22.09 25.02
C VAL A 148 -39.74 21.33 24.31
N GLU A 149 -38.55 21.46 24.89
CA GLU A 149 -37.31 20.86 24.40
C GLU A 149 -37.28 19.38 24.09
N ARG A 150 -36.97 19.07 22.84
CA ARG A 150 -36.84 17.70 22.34
C ARG A 150 -35.44 17.60 21.74
N LYS A 151 -34.75 16.49 22.04
CA LYS A 151 -33.38 16.29 21.59
C LYS A 151 -33.14 15.02 20.77
N LYS A 152 -31.92 14.93 20.25
CA LYS A 152 -31.44 13.79 19.47
C LYS A 152 -29.92 13.81 19.65
N GLY A 153 -29.36 12.64 19.95
CA GLY A 153 -27.93 12.52 20.12
C GLY A 153 -27.23 12.37 18.78
N ILE A 154 -26.24 13.21 18.51
CA ILE A 154 -25.47 13.14 17.26
C ILE A 154 -24.00 12.90 17.57
N PHE A 155 -23.29 12.28 16.62
CA PHE A 155 -21.87 12.02 16.79
C PHE A 155 -21.08 13.28 16.50
N ALA A 156 -19.92 13.40 17.14
CA ALA A 156 -19.02 14.53 16.98
C ALA A 156 -17.62 14.04 17.33
N ASN A 157 -16.60 14.77 16.87
CA ASN A 157 -15.20 14.43 17.16
C ASN A 157 -14.52 15.58 17.89
N LEU A 158 -14.79 16.80 17.44
CA LEU A 158 -14.17 17.98 18.01
C LEU A 158 -15.12 19.17 18.09
N ILE A 159 -15.01 19.90 19.20
CA ILE A 159 -15.81 21.10 19.45
C ILE A 159 -14.80 22.16 19.89
N ILE A 160 -14.68 23.22 19.09
CA ILE A 160 -13.78 24.31 19.41
C ILE A 160 -14.58 25.46 20.03
N PHE A 161 -14.10 25.95 21.17
CA PHE A 161 -14.73 27.05 21.86
C PHE A 161 -13.78 28.22 21.81
N GLY A 162 -14.26 29.36 22.31
CA GLY A 162 -13.43 30.54 22.43
C GLY A 162 -12.54 30.30 23.66
N PRO A 163 -11.71 31.26 24.05
CA PRO A 163 -10.83 31.06 25.21
C PRO A 163 -11.48 31.00 26.58
N GLY A 164 -10.70 30.56 27.55
CA GLY A 164 -11.14 30.51 28.92
C GLY A 164 -10.65 31.83 29.50
N PRO A 165 -10.38 31.93 30.81
CA PRO A 165 -9.90 33.17 31.44
C PRO A 165 -8.68 33.79 30.80
N VAL A 166 -7.66 32.98 30.57
CA VAL A 166 -6.43 33.44 29.94
C VAL A 166 -6.57 33.21 28.44
N LEU A 167 -6.66 34.32 27.68
CA LEU A 167 -6.82 34.29 26.23
C LEU A 167 -5.73 33.61 25.43
N ASN A 168 -4.47 33.89 25.77
CA ASN A 168 -3.34 33.31 25.06
C ASN A 168 -2.94 31.88 25.47
N GLU A 169 -3.75 31.23 26.31
CA GLU A 169 -3.46 29.87 26.74
C GLU A 169 -4.40 28.83 26.16
N ASN A 170 -4.14 28.49 24.89
CA ASN A 170 -4.92 27.51 24.14
C ASN A 170 -4.69 26.12 24.75
N GLU A 171 -5.76 25.34 24.86
CA GLU A 171 -5.68 24.01 25.46
C GLU A 171 -6.73 23.06 24.90
N THR A 172 -6.30 21.82 24.69
CA THR A 172 -7.15 20.75 24.18
C THR A 172 -7.49 19.88 25.40
N ILE A 173 -8.79 19.67 25.61
CA ILE A 173 -9.30 18.93 26.76
C ILE A 173 -10.04 17.65 26.37
N ASP A 174 -9.84 16.60 27.18
CA ASP A 174 -10.54 15.35 26.97
C ASP A 174 -11.48 15.08 28.14
N ILE A 175 -12.41 14.14 27.96
CA ILE A 175 -13.41 13.80 28.97
C ILE A 175 -12.96 12.70 29.93
N GLY A 176 -13.04 13.02 31.23
CA GLY A 176 -12.67 12.09 32.26
C GLY A 176 -13.85 11.65 33.09
N ILE A 177 -13.96 10.35 33.29
CA ILE A 177 -15.01 9.74 34.10
C ILE A 177 -14.26 8.90 35.15
N GLN A 178 -14.44 9.27 36.43
CA GLN A 178 -13.82 8.61 37.58
C GLN A 178 -12.30 8.41 37.46
N ASN A 179 -11.63 9.49 37.03
CA ASN A 179 -10.19 9.61 36.75
C ASN A 179 -9.64 8.66 35.66
N HIS A 180 -10.53 8.31 34.74
CA HIS A 180 -10.22 7.46 33.61
C HIS A 180 -10.71 8.15 32.35
N PHE A 181 -9.79 8.34 31.42
CA PHE A 181 -10.08 9.02 30.15
C PHE A 181 -10.05 8.05 28.97
N ALA A 182 -11.16 7.99 28.23
CA ALA A 182 -11.31 7.12 27.04
C ALA A 182 -10.29 7.53 25.96
N SER A 183 -9.93 8.81 25.99
CA SER A 183 -8.98 9.40 25.07
C SER A 183 -7.54 9.03 25.35
N ARG A 184 -7.32 8.32 26.46
CA ARG A 184 -5.99 7.90 26.87
C ARG A 184 -5.95 6.40 27.03
N GLU A 185 -7.06 5.75 26.71
CA GLU A 185 -7.20 4.29 26.85
C GLU A 185 -7.50 3.52 25.56
N GLY A 186 -7.13 4.12 24.42
CA GLY A 186 -7.33 3.48 23.13
C GLY A 186 -8.64 3.72 22.45
N PHE A 187 -9.66 4.09 23.22
CA PHE A 187 -11.00 4.31 22.68
C PHE A 187 -11.13 5.57 21.85
N GLY A 188 -10.60 6.65 22.41
CA GLY A 188 -10.73 7.95 21.78
C GLY A 188 -12.00 8.56 22.34
N GLY A 189 -12.12 9.87 22.27
CA GLY A 189 -13.31 10.51 22.80
C GLY A 189 -13.42 11.90 22.25
N ILE A 190 -14.64 12.45 22.27
CA ILE A 190 -14.90 13.81 21.80
C ILE A 190 -13.95 14.76 22.50
N MET A 191 -13.12 15.41 21.70
CA MET A 191 -12.16 16.37 22.17
C MET A 191 -12.74 17.77 22.13
N GLN A 192 -12.25 18.62 23.02
CA GLN A 192 -12.71 20.01 23.13
C GLN A 192 -11.50 20.89 23.16
N MET A 193 -11.67 22.15 22.75
CA MET A 193 -10.56 23.09 22.71
C MET A 193 -10.97 24.51 23.08
N LYS A 194 -10.06 25.23 23.73
CA LYS A 194 -10.24 26.64 24.09
C LYS A 194 -9.30 27.29 23.08
N PHE A 195 -9.84 28.10 22.15
CA PHE A 195 -8.95 28.74 21.18
C PHE A 195 -9.14 30.24 21.03
N CYS A 196 -8.02 30.94 20.84
CA CYS A 196 -7.99 32.38 20.62
C CYS A 196 -6.97 32.67 19.52
N PRO A 197 -7.44 33.11 18.33
CA PRO A 197 -6.56 33.41 17.19
C PRO A 197 -5.73 34.69 17.19
N GLU A 198 -6.25 35.76 17.79
CA GLU A 198 -5.57 37.05 17.83
C GLU A 198 -4.35 37.15 18.76
N TYR A 199 -4.47 36.59 19.97
CA TYR A 199 -3.38 36.64 20.95
C TYR A 199 -2.43 35.46 20.80
N VAL A 200 -1.32 35.74 20.13
CA VAL A 200 -0.33 34.73 19.80
C VAL A 200 0.97 34.80 20.59
N SER A 201 1.68 33.67 20.62
CA SER A 201 2.95 33.53 21.31
C SER A 201 4.11 34.15 20.53
N VAL A 202 5.15 34.54 21.26
CA VAL A 202 6.35 35.16 20.69
C VAL A 202 7.53 34.31 21.17
N PHE A 203 8.58 34.25 20.35
CA PHE A 203 9.79 33.48 20.65
C PHE A 203 11.04 34.15 20.07
N ASN A 204 12.21 33.61 20.44
CA ASN A 204 13.50 34.10 19.94
C ASN A 204 14.55 32.99 20.06
N ASN A 205 14.07 31.78 20.33
CA ASN A 205 14.90 30.58 20.52
C ASN A 205 15.71 30.13 19.29
N VAL A 206 15.04 30.04 18.15
CA VAL A 206 15.53 29.63 16.81
C VAL A 206 17.03 29.50 16.43
N GLN A 207 17.31 28.74 15.35
CA GLN A 207 18.67 28.47 14.82
C GLN A 207 19.59 29.69 14.67
N GLU A 208 18.97 30.84 14.42
CA GLU A 208 19.66 32.13 14.32
C GLU A 208 19.89 32.53 15.79
N ASN A 209 20.34 33.75 16.07
CA ASN A 209 20.58 34.23 17.46
C ASN A 209 21.65 33.43 18.24
N LYS A 210 21.92 32.20 17.77
CA LYS A 210 22.88 31.26 18.35
C LYS A 210 24.32 31.74 18.13
N GLY A 211 24.78 32.61 19.02
CA GLY A 211 26.13 33.18 18.93
C GLY A 211 26.15 34.53 18.24
N ALA A 212 25.01 34.90 17.64
CA ALA A 212 24.87 36.17 16.93
C ALA A 212 24.88 37.36 17.88
N SER A 213 25.23 38.53 17.34
CA SER A 213 25.27 39.77 18.10
C SER A 213 23.92 40.06 18.74
N ILE A 214 23.98 40.71 19.89
CA ILE A 214 22.83 41.08 20.69
C ILE A 214 21.81 41.96 19.92
N PHE A 215 22.34 42.86 19.09
CA PHE A 215 21.55 43.78 18.26
C PHE A 215 20.97 43.01 17.09
N ASN A 216 21.69 41.98 16.66
CA ASN A 216 21.26 41.13 15.56
C ASN A 216 20.43 39.92 15.99
N ARG A 217 19.82 40.03 17.17
CA ARG A 217 18.93 38.99 17.69
C ARG A 217 17.55 39.25 17.12
N ARG A 218 16.95 38.20 16.59
CA ARG A 218 15.64 38.27 15.95
C ARG A 218 14.54 37.64 16.80
N GLY A 219 13.45 38.39 16.97
CA GLY A 219 12.31 37.93 17.74
C GLY A 219 11.11 37.93 16.82
N TYR A 220 10.36 36.83 16.82
CA TYR A 220 9.20 36.67 15.94
C TYR A 220 7.92 36.34 16.66
N PHE A 221 6.79 36.55 15.97
CA PHE A 221 5.48 36.19 16.52
C PHE A 221 4.99 34.97 15.73
N SER A 222 4.09 34.20 16.33
CA SER A 222 3.56 32.98 15.73
C SER A 222 2.40 33.18 14.76
N ASP A 223 2.20 32.18 13.91
CA ASP A 223 1.11 32.15 12.93
C ASP A 223 -0.02 31.38 13.65
N PRO A 224 -1.23 31.98 13.76
CA PRO A 224 -2.40 31.38 14.42
C PRO A 224 -2.83 30.04 13.83
N ALA A 225 -2.38 29.76 12.61
CA ALA A 225 -2.69 28.51 11.92
C ALA A 225 -1.83 27.37 12.46
N LEU A 226 -0.58 27.69 12.79
CA LEU A 226 0.35 26.71 13.33
C LEU A 226 -0.03 26.41 14.78
N ILE A 227 -0.45 27.45 15.51
CA ILE A 227 -0.88 27.34 16.90
C ILE A 227 -2.11 26.43 16.94
N LEU A 228 -2.98 26.60 15.95
CA LEU A 228 -4.18 25.78 15.83
C LEU A 228 -3.82 24.35 15.47
N MET A 229 -2.84 24.18 14.57
CA MET A 229 -2.39 22.86 14.14
C MET A 229 -1.70 22.08 15.27
N HIS A 230 -1.10 22.81 16.21
CA HIS A 230 -0.43 22.25 17.39
C HIS A 230 -1.54 21.61 18.24
N GLU A 231 -2.61 22.36 18.49
CA GLU A 231 -3.75 21.88 19.28
C GLU A 231 -4.51 20.76 18.59
N LEU A 232 -4.54 20.77 17.25
CA LEU A 232 -5.21 19.74 16.46
C LEU A 232 -4.47 18.40 16.51
N ILE A 233 -3.18 18.43 16.85
CA ILE A 233 -2.38 17.21 17.00
C ILE A 233 -2.76 16.55 18.33
N HIS A 234 -3.07 17.36 19.35
CA HIS A 234 -3.51 16.85 20.66
C HIS A 234 -4.87 16.21 20.47
N VAL A 235 -5.71 16.85 19.65
CA VAL A 235 -7.05 16.35 19.31
C VAL A 235 -6.94 14.99 18.64
N LEU A 236 -5.97 14.88 17.72
CA LEU A 236 -5.68 13.65 16.98
C LEU A 236 -5.28 12.50 17.91
N HIS A 237 -4.39 12.80 18.87
CA HIS A 237 -3.92 11.83 19.87
C HIS A 237 -5.10 11.43 20.76
N GLY A 238 -5.94 12.42 21.08
CA GLY A 238 -7.11 12.19 21.91
C GLY A 238 -8.21 11.42 21.22
N LEU A 239 -8.31 11.57 19.90
CA LEU A 239 -9.33 10.86 19.11
C LEU A 239 -8.95 9.40 18.83
N TYR A 240 -7.64 9.12 18.77
CA TYR A 240 -7.15 7.77 18.53
C TYR A 240 -6.83 7.02 19.83
N GLY A 241 -7.14 7.69 20.96
CA GLY A 241 -6.92 7.14 22.29
C GLY A 241 -5.50 6.97 22.76
N ILE A 242 -4.61 7.86 22.25
CA ILE A 242 -3.17 7.79 22.48
C ILE A 242 -2.68 8.98 23.32
N LYS A 243 -3.51 9.89 23.80
CA LYS A 243 -3.04 11.02 24.61
C LYS A 243 -2.26 10.53 25.84
N VAL A 244 -1.00 10.94 25.92
CA VAL A 244 -0.13 10.52 27.02
C VAL A 244 -0.47 11.32 28.28
N ASP A 245 -0.91 10.59 29.30
CA ASP A 245 -1.28 11.15 30.60
C ASP A 245 -0.06 11.59 31.40
N ASP A 246 -0.31 12.26 32.52
CA ASP A 246 0.70 12.79 33.46
C ASP A 246 2.03 12.02 33.50
N LEU A 247 2.98 12.49 32.69
CA LEU A 247 4.31 11.91 32.58
C LEU A 247 5.27 13.07 32.30
N PRO A 248 5.78 13.73 33.37
CA PRO A 248 6.74 14.84 33.15
C PRO A 248 8.13 14.31 32.77
N ILE A 249 8.82 15.04 31.89
CA ILE A 249 10.16 14.65 31.43
C ILE A 249 11.17 15.69 31.90
N VAL A 250 12.18 15.23 32.64
CA VAL A 250 13.24 16.09 33.17
C VAL A 250 14.41 16.04 32.18
N PRO A 251 14.77 17.21 31.64
CA PRO A 251 15.84 17.40 30.64
C PRO A 251 17.24 16.91 31.05
N PHE A 257 18.15 23.25 19.71
CA PHE A 257 18.84 23.20 20.98
C PHE A 257 17.80 23.21 22.11
N MET A 258 18.12 23.85 23.23
CA MET A 258 17.29 24.03 24.40
C MET A 258 17.52 25.38 25.04
N GLN A 259 16.52 25.97 25.67
CA GLN A 259 16.62 27.28 26.32
C GLN A 259 16.24 27.17 27.81
N SER A 260 15.29 26.29 28.12
CA SER A 260 14.83 26.05 29.50
C SER A 260 15.12 24.60 29.90
N THR A 261 15.36 24.36 31.19
CA THR A 261 15.66 23.01 31.70
C THR A 261 14.42 22.36 32.36
N ASP A 262 13.37 23.17 32.51
CA ASP A 262 12.09 22.78 33.14
C ASP A 262 11.39 21.55 32.59
N ALA A 263 10.76 20.80 33.50
CA ALA A 263 10.00 19.58 33.21
C ALA A 263 8.75 19.87 32.36
N ILE A 264 8.57 19.04 31.32
CA ILE A 264 7.43 19.15 30.39
C ILE A 264 6.82 17.76 30.20
N GLN A 265 5.53 17.73 29.86
CA GLN A 265 4.77 16.50 29.60
C GLN A 265 5.27 15.79 28.34
N ALA A 266 5.22 14.46 28.35
CA ALA A 266 5.65 13.62 27.23
C ALA A 266 4.79 13.88 26.00
N GLU A 267 3.51 14.17 26.28
CA GLU A 267 2.50 14.49 25.27
C GLU A 267 2.89 15.74 24.49
N GLU A 268 3.35 16.76 25.22
CA GLU A 268 3.76 18.04 24.65
C GLU A 268 5.04 17.99 23.82
N LEU A 269 5.94 17.07 24.18
CA LEU A 269 7.22 16.88 23.51
C LEU A 269 7.08 16.22 22.14
N TYR A 270 6.27 15.16 22.09
CA TYR A 270 6.00 14.40 20.86
C TYR A 270 5.20 15.25 19.87
N THR A 271 4.31 16.08 20.43
CA THR A 271 3.45 16.98 19.66
C THR A 271 4.28 18.09 19.03
N PHE A 272 5.25 18.62 19.78
CA PHE A 272 6.13 19.66 19.26
C PHE A 272 7.06 19.02 18.23
N GLY A 273 7.65 17.89 18.63
CA GLY A 273 8.55 17.13 17.77
C GLY A 273 9.93 17.71 17.53
N GLY A 274 10.46 17.47 16.33
CA GLY A 274 11.78 17.96 15.94
C GLY A 274 12.87 17.23 16.73
N GLN A 275 13.62 18.00 17.50
CA GLN A 275 14.69 17.42 18.33
C GLN A 275 14.26 17.14 19.77
N ASP A 276 12.96 17.29 20.04
CA ASP A 276 12.41 17.06 21.39
C ASP A 276 12.25 15.61 21.89
N PRO A 277 11.83 14.63 21.03
CA PRO A 277 11.69 13.24 21.53
C PRO A 277 13.05 12.58 21.84
N SER A 278 14.14 13.30 21.59
CA SER A 278 15.51 12.81 21.81
C SER A 278 16.02 12.86 23.25
N ILE A 279 15.45 13.75 24.06
CA ILE A 279 15.86 13.86 25.46
C ILE A 279 15.10 12.89 26.37
N ILE A 280 14.16 12.17 25.75
CA ILE A 280 13.34 11.16 26.43
C ILE A 280 14.20 9.90 26.44
N THR A 281 14.35 9.28 27.62
CA THR A 281 15.16 8.06 27.77
C THR A 281 14.55 6.97 26.88
N PRO A 282 15.39 6.16 26.16
CA PRO A 282 14.88 5.10 25.28
C PRO A 282 13.85 4.17 25.95
N SER A 283 13.97 4.08 27.28
CA SER A 283 13.12 3.28 28.16
C SER A 283 11.71 3.89 28.28
N THR A 284 11.62 5.19 28.55
CA THR A 284 10.34 5.91 28.68
C THR A 284 9.61 5.92 27.33
N ASP A 285 10.38 6.14 26.26
CA ASP A 285 9.89 6.17 24.87
C ASP A 285 9.27 4.81 24.47
N LYS A 286 9.88 3.73 24.95
CA LYS A 286 9.46 2.35 24.70
C LYS A 286 8.22 2.00 25.53
N SER A 287 8.12 2.55 26.73
CA SER A 287 6.98 2.27 27.60
C SER A 287 5.69 2.94 27.08
N ILE A 288 5.85 4.10 26.44
CA ILE A 288 4.74 4.87 25.86
C ILE A 288 4.20 4.12 24.63
N TYR A 289 5.12 3.50 23.88
CA TYR A 289 4.79 2.71 22.68
C TYR A 289 4.03 1.44 23.09
N ASP A 290 4.56 0.76 24.12
CA ASP A 290 3.97 -0.47 24.64
C ASP A 290 2.57 -0.27 25.25
N LYS A 291 2.32 0.94 25.80
CA LYS A 291 1.03 1.28 26.41
C LYS A 291 -0.05 1.45 25.33
N VAL A 292 0.36 2.00 24.19
CA VAL A 292 -0.52 2.23 23.05
C VAL A 292 -0.92 0.87 22.44
N LEU A 293 0.06 -0.03 22.35
CA LEU A 293 -0.15 -1.37 21.80
C LEU A 293 -1.11 -2.18 22.67
N GLN A 294 -0.90 -2.11 23.99
CA GLN A 294 -1.74 -2.81 24.97
C GLN A 294 -3.18 -2.29 24.94
N ASN A 295 -3.33 -0.98 24.69
CA ASN A 295 -4.65 -0.34 24.61
C ASN A 295 -5.38 -0.71 23.32
N PHE A 296 -4.62 -0.78 22.23
CA PHE A 296 -5.14 -1.16 20.91
C PHE A 296 -5.48 -2.65 20.88
N ARG A 297 -4.78 -3.42 21.72
CA ARG A 297 -5.03 -4.86 21.87
C ARG A 297 -6.36 -5.05 22.60
N GLY A 298 -6.71 -4.07 23.44
CA GLY A 298 -7.97 -4.10 24.17
C GLY A 298 -9.12 -3.80 23.22
N ILE A 299 -8.88 -2.90 22.28
CA ILE A 299 -9.87 -2.50 21.28
C ILE A 299 -10.14 -3.63 20.31
N VAL A 300 -9.08 -4.33 19.90
CA VAL A 300 -9.24 -5.44 18.97
C VAL A 300 -10.02 -6.61 19.59
N ASP A 301 -9.82 -6.83 20.89
CA ASP A 301 -10.51 -7.88 21.65
C ASP A 301 -11.99 -7.54 21.75
N ARG A 302 -12.29 -6.25 21.87
CA ARG A 302 -13.66 -5.74 21.95
C ARG A 302 -14.37 -5.90 20.61
N LEU A 303 -13.65 -5.60 19.52
CA LEU A 303 -14.18 -5.74 18.17
C LEU A 303 -14.48 -7.18 17.82
N ASN A 304 -13.71 -8.10 18.40
CA ASN A 304 -13.91 -9.55 18.20
C ASN A 304 -15.06 -10.09 19.05
N LYS A 305 -15.43 -9.32 20.07
CA LYS A 305 -16.50 -9.71 20.99
C LYS A 305 -17.81 -8.92 20.87
N VAL A 306 -17.79 -7.77 20.22
CA VAL A 306 -19.00 -6.96 20.08
C VAL A 306 -20.15 -7.64 19.32
N LEU A 307 -21.29 -7.70 19.99
CA LEU A 307 -22.50 -8.35 19.48
C LEU A 307 -23.70 -7.43 19.25
N VAL A 308 -23.90 -6.47 20.15
CA VAL A 308 -25.06 -5.56 20.07
C VAL A 308 -24.70 -4.10 20.31
N CYS A 309 -25.62 -3.21 19.93
CA CYS A 309 -25.46 -1.79 20.22
C CYS A 309 -26.64 -1.54 21.15
N ILE A 310 -26.32 -1.38 22.42
CA ILE A 310 -27.31 -1.19 23.49
C ILE A 310 -28.20 0.08 23.41
N SER A 311 -27.59 1.21 23.02
CA SER A 311 -28.30 2.50 22.92
C SER A 311 -28.93 2.73 21.56
N ASP A 312 -28.42 2.02 20.56
CA ASP A 312 -28.88 2.12 19.18
C ASP A 312 -29.01 0.73 18.53
N PRO A 313 -30.07 -0.07 18.88
CA PRO A 313 -30.20 -1.40 18.27
C PRO A 313 -30.44 -1.44 16.75
N ASN A 314 -30.28 -0.28 16.12
CA ASN A 314 -30.42 -0.11 14.68
C ASN A 314 -29.03 -0.16 14.03
N ILE A 315 -28.04 0.45 14.71
CA ILE A 315 -26.64 0.51 14.24
C ILE A 315 -26.15 -0.87 13.81
N ASN A 316 -25.61 -0.91 12.60
CA ASN A 316 -25.09 -2.14 12.03
C ASN A 316 -23.71 -2.38 12.61
N ILE A 317 -23.58 -3.51 13.30
CA ILE A 317 -22.35 -3.95 13.96
C ILE A 317 -21.19 -4.08 12.97
N ASN A 318 -21.44 -4.77 11.85
CA ASN A 318 -20.44 -4.99 10.80
C ASN A 318 -19.91 -3.72 10.15
N ILE A 319 -20.77 -2.71 10.00
CA ILE A 319 -20.38 -1.42 9.41
C ILE A 319 -19.44 -0.66 10.36
N TYR A 320 -19.78 -0.68 11.65
CA TYR A 320 -18.96 0.01 12.64
C TYR A 320 -17.67 -0.69 12.97
N LYS A 321 -17.67 -2.02 12.90
CA LYS A 321 -16.46 -2.84 13.14
C LYS A 321 -15.46 -2.54 12.03
N ASN A 322 -15.99 -2.36 10.82
CA ASN A 322 -15.20 -2.03 9.64
C ASN A 322 -14.64 -0.62 9.72
N LYS A 323 -15.42 0.31 10.27
CA LYS A 323 -14.98 1.71 10.44
C LYS A 323 -13.83 1.77 11.45
N PHE A 324 -13.92 0.91 12.48
CA PHE A 324 -12.89 0.82 13.51
C PHE A 324 -11.65 0.06 13.06
N LYS A 325 -11.83 -0.85 12.10
CA LYS A 325 -10.73 -1.61 11.51
C LYS A 325 -9.87 -0.63 10.69
N ASP A 326 -10.53 0.28 9.98
CA ASP A 326 -9.86 1.30 9.15
C ASP A 326 -9.17 2.37 9.99
N LYS A 327 -9.82 2.78 11.07
CA LYS A 327 -9.33 3.81 11.99
C LYS A 327 -8.00 3.41 12.64
N TYR A 328 -7.99 2.19 13.20
CA TYR A 328 -6.82 1.67 13.89
C TYR A 328 -5.86 0.83 13.02
N LYS A 329 -6.20 0.67 11.73
CA LYS A 329 -5.40 -0.10 10.76
C LYS A 329 -5.17 -1.56 11.16
N PHE A 330 -6.23 -2.18 11.68
CA PHE A 330 -6.21 -3.59 12.12
C PHE A 330 -6.41 -4.46 10.87
N VAL A 331 -6.03 -5.72 10.99
CA VAL A 331 -6.18 -6.68 9.90
C VAL A 331 -7.23 -7.73 10.28
N GLU A 332 -7.75 -8.41 9.27
CA GLU A 332 -8.79 -9.41 9.44
C GLU A 332 -8.43 -10.75 8.78
N ASP A 333 -8.73 -11.87 9.44
CA ASP A 333 -8.44 -13.18 8.84
C ASP A 333 -9.63 -13.70 8.02
N SER A 334 -9.52 -14.92 7.50
CA SER A 334 -10.58 -15.50 6.68
C SER A 334 -11.89 -15.76 7.41
N GLU A 335 -11.86 -15.77 8.74
CA GLU A 335 -13.04 -16.00 9.56
C GLU A 335 -13.62 -14.73 10.18
N GLY A 336 -13.09 -13.58 9.77
CA GLY A 336 -13.56 -12.30 10.29
C GLY A 336 -12.86 -11.75 11.52
N LYS A 337 -12.01 -12.56 12.16
CA LYS A 337 -11.27 -12.18 13.36
C LYS A 337 -10.23 -11.10 13.14
N TYR A 338 -10.28 -10.06 13.98
CA TYR A 338 -9.34 -8.96 13.89
C TYR A 338 -8.10 -9.22 14.73
N SER A 339 -6.99 -8.61 14.34
CA SER A 339 -5.71 -8.73 15.03
C SER A 339 -4.89 -7.51 14.64
N ILE A 340 -3.81 -7.30 15.38
CA ILE A 340 -2.90 -6.19 15.13
C ILE A 340 -1.78 -6.67 14.22
N ASP A 341 -1.44 -5.85 13.23
CA ASP A 341 -0.34 -6.16 12.33
C ASP A 341 0.72 -5.16 12.75
N VAL A 342 1.84 -5.68 13.24
CA VAL A 342 2.96 -4.87 13.72
C VAL A 342 3.45 -3.79 12.75
N GLU A 343 3.45 -4.10 11.44
CA GLU A 343 3.88 -3.14 10.42
C GLU A 343 2.92 -1.98 10.24
N SER A 344 1.63 -2.28 10.10
CA SER A 344 0.60 -1.23 9.94
C SER A 344 0.43 -0.44 11.24
N PHE A 345 0.69 -1.09 12.38
CA PHE A 345 0.60 -0.45 13.70
C PHE A 345 1.77 0.54 13.79
N ASP A 346 2.97 0.08 13.44
CA ASP A 346 4.19 0.91 13.47
C ASP A 346 4.03 2.14 12.59
N LYS A 347 3.43 1.97 11.41
CA LYS A 347 3.21 3.08 10.47
C LYS A 347 2.22 4.09 11.06
N LEU A 348 1.09 3.62 11.58
CA LEU A 348 0.08 4.49 12.19
C LEU A 348 0.63 5.19 13.42
N TYR A 349 1.36 4.46 14.26
CA TYR A 349 1.96 5.02 15.48
C TYR A 349 2.93 6.13 15.12
N LYS A 350 3.85 5.85 14.19
CA LYS A 350 4.84 6.85 13.77
C LYS A 350 4.19 8.05 13.11
N SER A 351 3.04 7.83 12.46
CA SER A 351 2.30 8.91 11.80
C SER A 351 1.62 9.83 12.84
N LEU A 352 1.00 9.24 13.86
CA LEU A 352 0.30 9.99 14.90
C LEU A 352 1.23 10.72 15.88
N MET A 353 2.35 10.08 16.21
CA MET A 353 3.32 10.62 17.16
C MET A 353 4.50 11.40 16.59
N PHE A 354 5.04 10.95 15.45
CA PHE A 354 6.20 11.60 14.83
C PHE A 354 5.95 12.28 13.49
N GLY A 355 4.89 11.87 12.80
CA GLY A 355 4.54 12.45 11.51
C GLY A 355 3.95 13.84 11.65
N PHE A 356 2.84 13.94 12.38
CA PHE A 356 2.17 15.22 12.62
C PHE A 356 2.72 15.93 13.86
N THR A 357 3.78 16.70 13.66
CA THR A 357 4.42 17.47 14.73
C THR A 357 4.37 18.94 14.37
N GLU A 358 4.59 19.83 15.35
CA GLU A 358 4.56 21.28 15.11
C GLU A 358 5.74 21.70 14.23
N THR A 359 6.89 21.07 14.46
CA THR A 359 8.13 21.34 13.72
C THR A 359 8.04 21.08 12.22
N ASN A 360 7.62 19.88 11.81
CA ASN A 360 7.51 19.62 10.37
C ASN A 360 6.27 20.16 9.67
N ILE A 361 5.32 20.69 10.45
CA ILE A 361 4.14 21.34 9.87
C ILE A 361 4.64 22.75 9.55
N ALA A 362 5.48 23.28 10.46
CA ALA A 362 6.09 24.61 10.30
C ALA A 362 7.06 24.68 9.13
N GLU A 363 7.80 23.57 8.92
CA GLU A 363 8.76 23.46 7.82
C GLU A 363 8.05 23.39 6.46
N ASN A 364 7.00 22.57 6.39
CA ASN A 364 6.18 22.35 5.21
C ASN A 364 5.39 23.59 4.76
N TYR A 365 4.96 24.39 5.74
CA TYR A 365 4.17 25.60 5.50
C TYR A 365 4.95 26.90 5.47
N LYS A 366 6.29 26.81 5.60
CA LYS A 366 7.21 27.96 5.61
C LYS A 366 6.96 28.91 6.80
N ILE A 367 6.37 28.36 7.86
CA ILE A 367 6.07 29.12 9.08
C ILE A 367 7.27 28.99 10.00
N LYS A 368 7.60 30.08 10.68
CA LYS A 368 8.71 30.13 11.62
C LYS A 368 8.17 29.73 13.00
N THR A 369 8.89 28.84 13.67
CA THR A 369 8.55 28.40 15.02
C THR A 369 9.82 28.30 15.82
N ARG A 370 9.67 28.13 17.14
CA ARG A 370 10.81 27.99 18.07
C ARG A 370 11.62 26.71 17.83
N ALA A 371 12.88 26.71 18.27
CA ALA A 371 13.77 25.56 18.11
C ALA A 371 13.36 24.37 18.96
N SER A 372 13.08 24.61 20.23
CA SER A 372 12.67 23.57 21.18
C SER A 372 11.41 24.01 21.92
N TYR A 373 10.75 23.05 22.59
CA TYR A 373 9.58 23.35 23.42
C TYR A 373 10.20 23.95 24.68
N PHE A 374 11.40 23.46 25.02
CA PHE A 374 12.19 23.94 26.16
C PHE A 374 12.66 25.33 25.75
N SER A 375 11.70 26.24 25.68
CA SER A 375 11.94 27.61 25.28
C SER A 375 11.31 28.56 26.29
N ASP A 376 11.91 29.75 26.40
CA ASP A 376 11.45 30.77 27.33
C ASP A 376 10.15 31.42 26.89
N SER A 377 9.28 31.67 27.86
CA SER A 377 8.00 32.31 27.60
C SER A 377 8.23 33.81 27.46
N LEU A 378 7.99 34.30 26.25
CA LEU A 378 8.11 35.71 25.88
C LEU A 378 6.67 36.26 25.92
N PRO A 379 6.47 37.60 26.07
CA PRO A 379 5.10 38.14 26.12
C PRO A 379 4.29 37.99 24.83
N PRO A 380 2.96 37.72 24.93
CA PRO A 380 2.16 37.58 23.71
C PRO A 380 1.89 38.96 23.08
N VAL A 381 1.50 38.95 21.81
CA VAL A 381 1.16 40.19 21.10
C VAL A 381 -0.21 40.00 20.47
N LYS A 382 -0.87 41.11 20.19
CA LYS A 382 -2.19 41.04 19.56
C LYS A 382 -2.07 41.38 18.08
N ILE A 383 -2.65 40.52 17.26
CA ILE A 383 -2.69 40.73 15.82
C ILE A 383 -3.99 41.46 15.57
N LYS A 384 -3.88 42.69 15.06
CA LYS A 384 -5.03 43.56 14.80
C LYS A 384 -6.11 43.06 13.86
N ASN A 385 -5.70 42.45 12.74
CA ASN A 385 -6.66 41.95 11.76
C ASN A 385 -6.10 40.80 10.93
N LEU A 386 -6.67 39.61 11.10
CA LEU A 386 -6.27 38.42 10.37
C LEU A 386 -7.13 38.24 9.12
N LEU A 387 -8.24 38.97 9.06
CA LEU A 387 -9.19 38.93 7.95
C LEU A 387 -8.88 39.90 6.79
N ASP A 388 -7.69 40.49 6.84
CA ASP A 388 -7.20 41.44 5.82
C ASP A 388 -6.06 40.74 5.08
N ASN A 389 -6.19 40.59 3.77
CA ASN A 389 -5.18 39.91 2.95
C ASN A 389 -3.88 40.69 2.70
N GLU A 390 -3.86 41.95 3.12
CA GLU A 390 -2.70 42.85 2.99
C GLU A 390 -1.76 42.56 4.18
N ILE A 391 -2.29 41.85 5.17
CA ILE A 391 -1.61 41.47 6.41
C ILE A 391 -1.43 39.95 6.54
N TYR A 392 -2.52 39.20 6.34
CA TYR A 392 -2.53 37.73 6.48
C TYR A 392 -3.35 37.03 5.40
N THR A 393 -2.75 36.03 4.74
CA THR A 393 -3.41 35.26 3.68
C THR A 393 -3.55 33.77 4.01
N ILE A 394 -4.51 33.13 3.33
CA ILE A 394 -4.80 31.68 3.45
C ILE A 394 -3.60 30.87 2.98
N GLU A 395 -3.06 31.30 1.85
CA GLU A 395 -1.94 30.66 1.17
C GLU A 395 -0.54 30.80 1.77
N GLU A 396 -0.20 32.01 2.21
CA GLU A 396 1.14 32.30 2.73
C GLU A 396 1.30 32.75 4.19
N GLY A 397 0.21 33.14 4.82
CA GLY A 397 0.26 33.62 6.20
C GLY A 397 0.69 35.08 6.25
N PHE A 398 1.61 35.39 7.16
CA PHE A 398 2.16 36.74 7.32
C PHE A 398 3.28 36.93 6.33
N ASN A 399 3.90 35.81 5.97
CA ASN A 399 5.01 35.75 5.05
C ASN A 399 4.55 35.81 3.59
N ILE A 400 4.01 36.98 3.21
CA ILE A 400 3.49 37.25 1.87
C ILE A 400 4.58 37.70 0.89
N SER A 401 4.69 36.98 -0.23
CA SER A 401 5.69 37.21 -1.29
C SER A 401 5.78 38.59 -1.95
N ASP A 402 4.62 39.17 -2.24
CA ASP A 402 4.51 40.49 -2.88
C ASP A 402 5.13 41.62 -2.02
N LYS A 403 4.88 41.54 -0.72
CA LYS A 403 5.37 42.53 0.24
C LYS A 403 6.79 42.26 0.76
N ASP A 404 7.47 41.29 0.14
CA ASP A 404 8.84 40.84 0.47
C ASP A 404 9.03 40.34 1.91
N MET A 405 7.98 39.67 2.39
CA MET A 405 7.90 39.12 3.74
C MET A 405 8.19 37.61 3.77
N GLU A 406 8.29 37.01 2.59
CA GLU A 406 8.54 35.57 2.43
C GLU A 406 9.95 35.06 2.72
N LYS A 407 10.93 35.95 2.63
CA LYS A 407 12.34 35.64 2.86
C LYS A 407 12.70 35.88 4.32
N GLU A 408 13.55 35.02 4.88
CA GLU A 408 14.02 35.08 6.29
C GLU A 408 12.89 35.21 7.32
N TYR A 409 11.70 34.78 6.90
CA TYR A 409 10.43 34.80 7.66
C TYR A 409 10.15 36.20 8.24
N ARG A 410 10.54 37.23 7.47
CA ARG A 410 10.41 38.64 7.84
C ARG A 410 9.00 39.14 8.15
N GLY A 411 7.99 38.41 7.70
CA GLY A 411 6.61 38.77 7.97
C GLY A 411 6.20 38.39 9.40
N GLN A 412 7.03 37.59 10.04
CA GLN A 412 6.80 37.15 11.40
C GLN A 412 7.72 37.91 12.35
N ASN A 413 8.77 38.54 11.80
CA ASN A 413 9.75 39.31 12.56
C ASN A 413 9.11 40.56 13.17
N LYS A 414 9.16 40.63 14.49
CA LYS A 414 8.60 41.75 15.26
C LYS A 414 9.23 43.10 14.95
N ALA A 415 10.50 43.08 14.56
CA ALA A 415 11.23 44.30 14.23
C ALA A 415 10.90 44.81 12.82
N ILE A 416 10.35 43.92 11.99
CA ILE A 416 10.01 44.23 10.60
C ILE A 416 8.51 44.42 10.30
N ASN A 417 7.69 43.38 10.50
CA ASN A 417 6.24 43.49 10.22
C ASN A 417 5.48 44.13 11.40
N LYS A 418 5.85 45.37 11.70
CA LYS A 418 5.26 46.17 12.80
C LYS A 418 3.80 46.57 12.64
N GLN A 419 3.25 46.35 11.46
CA GLN A 419 1.86 46.71 11.16
C GLN A 419 0.87 45.55 11.29
N ALA A 420 1.40 44.33 11.42
CA ALA A 420 0.57 43.13 11.57
C ALA A 420 0.15 42.89 13.02
N TYR A 421 0.87 43.52 13.95
CA TYR A 421 0.59 43.37 15.38
C TYR A 421 0.66 44.68 16.15
N GLU A 422 0.31 44.60 17.44
CA GLU A 422 0.38 45.73 18.36
C GLU A 422 0.79 45.19 19.73
N GLU A 423 1.61 45.95 20.46
CA GLU A 423 2.03 45.53 21.79
C GLU A 423 0.86 45.78 22.72
N ILE A 424 0.51 44.76 23.51
CA ILE A 424 -0.62 44.82 24.45
C ILE A 424 -0.50 45.96 25.47
N SER A 425 0.72 46.20 25.96
CA SER A 425 0.99 47.29 26.91
C SER A 425 2.46 47.67 26.89
N LYS A 426 2.80 48.76 27.59
CA LYS A 426 4.17 49.26 27.69
C LYS A 426 5.03 48.32 28.53
N GLU A 427 4.38 47.57 29.42
CA GLU A 427 5.04 46.60 30.29
C GLU A 427 5.45 45.40 29.44
N HIS A 428 4.59 45.01 28.48
CA HIS A 428 4.87 43.88 27.58
C HIS A 428 6.12 44.16 26.75
N LEU A 429 6.24 45.39 26.26
CA LEU A 429 7.40 45.82 25.46
C LEU A 429 8.65 45.85 26.32
N ALA A 430 8.53 46.39 27.53
CA ALA A 430 9.65 46.50 28.47
C ALA A 430 10.21 45.14 28.88
N VAL A 431 9.32 44.15 29.00
CA VAL A 431 9.72 42.78 29.34
C VAL A 431 10.41 42.17 28.12
N TYR A 432 9.79 42.34 26.93
CA TYR A 432 10.33 41.84 25.66
C TYR A 432 11.76 42.36 25.38
N LYS A 433 11.99 43.65 25.63
CA LYS A 433 13.30 44.30 25.42
C LYS A 433 14.41 43.74 26.30
N ILE A 434 14.07 43.38 27.54
CA ILE A 434 15.04 42.81 28.48
C ILE A 434 15.38 41.38 28.04
N GLN A 435 14.35 40.63 27.61
CA GLN A 435 14.48 39.23 27.14
C GLN A 435 15.24 39.10 25.83
N MET A 436 15.08 40.09 24.95
CA MET A 436 15.76 40.13 23.66
C MET A 436 17.21 40.51 23.80
N CYS A 437 17.55 41.14 24.91
CA CYS A 437 18.92 41.56 25.10
C CYS A 437 19.63 41.14 26.39
N LYS A 438 19.39 39.90 26.85
CA LYS A 438 20.03 39.41 28.11
C LYS A 438 21.53 39.15 28.00
N PRO B 2 15.14 -4.70 -10.37
CA PRO B 2 15.57 -4.47 -11.78
C PRO B 2 16.09 -5.79 -12.35
N VAL B 3 15.40 -6.32 -13.35
CA VAL B 3 15.80 -7.59 -13.97
C VAL B 3 16.99 -7.36 -14.89
N THR B 4 18.11 -7.96 -14.51
CA THR B 4 19.36 -7.88 -15.24
C THR B 4 19.48 -9.13 -16.09
N ILE B 5 19.77 -8.95 -17.38
CA ILE B 5 19.92 -10.08 -18.28
C ILE B 5 21.38 -10.31 -18.67
N ASN B 6 21.82 -11.55 -18.46
CA ASN B 6 23.18 -11.97 -18.76
C ASN B 6 23.40 -12.43 -20.18
N ASN B 7 24.56 -12.10 -20.72
CA ASN B 7 24.94 -12.49 -22.08
C ASN B 7 26.06 -13.52 -22.00
N PHE B 8 26.04 -14.46 -22.93
CA PHE B 8 27.02 -15.55 -23.04
C PHE B 8 26.87 -16.25 -24.39
N ASN B 9 27.85 -17.07 -24.74
CA ASN B 9 27.83 -17.86 -25.97
C ASN B 9 27.92 -19.32 -25.47
N TYR B 10 27.40 -20.27 -26.23
CA TYR B 10 27.43 -21.68 -25.81
C TYR B 10 28.83 -22.23 -25.53
N ASN B 11 29.78 -21.84 -26.37
CA ASN B 11 31.17 -22.30 -26.26
C ASN B 11 32.02 -21.64 -25.19
N ASP B 12 31.45 -20.66 -24.47
CA ASP B 12 32.15 -19.97 -23.37
C ASP B 12 32.40 -21.01 -22.27
N PRO B 13 33.63 -21.06 -21.71
CA PRO B 13 33.93 -22.04 -20.66
C PRO B 13 33.13 -21.92 -19.37
N ILE B 14 33.05 -23.03 -18.64
CA ILE B 14 32.36 -23.10 -17.35
C ILE B 14 33.15 -22.21 -16.38
N ASP B 15 32.48 -21.22 -15.79
CA ASP B 15 33.14 -20.29 -14.86
C ASP B 15 32.60 -20.35 -13.44
N ASN B 16 31.62 -21.24 -13.23
CA ASN B 16 30.95 -21.47 -11.94
C ASN B 16 30.27 -20.25 -11.33
N ASN B 17 29.61 -19.50 -12.21
CA ASN B 17 28.86 -18.30 -11.89
C ASN B 17 27.61 -18.36 -12.77
N ASN B 18 27.69 -17.83 -13.98
CA ASN B 18 26.55 -17.86 -14.91
C ASN B 18 26.54 -19.08 -15.80
N ILE B 19 27.71 -19.70 -15.97
CA ILE B 19 27.84 -20.90 -16.79
C ILE B 19 28.36 -22.05 -15.90
N ILE B 20 27.48 -23.01 -15.62
CA ILE B 20 27.83 -24.16 -14.75
C ILE B 20 27.38 -25.49 -15.37
N MET B 21 27.69 -26.59 -14.68
CA MET B 21 27.24 -27.92 -15.05
C MET B 21 26.22 -28.22 -13.94
N MET B 22 24.95 -28.29 -14.29
CA MET B 22 23.94 -28.58 -13.28
C MET B 22 23.21 -29.87 -13.52
N GLU B 23 22.74 -30.43 -12.42
CA GLU B 23 21.97 -31.67 -12.40
C GLU B 23 20.53 -31.23 -12.18
N PRO B 24 19.67 -31.32 -13.22
CA PRO B 24 18.24 -30.96 -13.21
C PRO B 24 17.43 -31.79 -12.21
N PRO B 25 16.28 -31.26 -11.72
CA PRO B 25 15.41 -31.93 -10.73
C PRO B 25 15.04 -33.39 -10.93
N PHE B 26 14.62 -33.76 -12.14
CA PHE B 26 14.21 -35.13 -12.45
C PHE B 26 15.38 -36.11 -12.56
N ALA B 27 16.60 -35.57 -12.53
CA ALA B 27 17.81 -36.36 -12.59
C ALA B 27 18.58 -36.25 -11.27
N ARG B 28 17.90 -35.88 -10.19
CA ARG B 28 18.53 -35.74 -8.86
C ARG B 28 19.00 -37.11 -8.32
N GLY B 29 20.21 -37.12 -7.78
CA GLY B 29 20.78 -38.35 -7.22
C GLY B 29 21.71 -39.03 -8.21
N THR B 30 21.36 -38.95 -9.49
CA THR B 30 22.16 -39.54 -10.56
C THR B 30 23.35 -38.60 -10.77
N GLY B 31 24.30 -38.98 -11.59
CA GLY B 31 25.43 -38.09 -11.81
C GLY B 31 25.43 -37.46 -13.18
N ARG B 32 24.24 -37.26 -13.74
CA ARG B 32 24.05 -36.67 -15.08
C ARG B 32 23.94 -35.14 -15.00
N TYR B 33 25.01 -34.46 -15.39
CA TYR B 33 25.07 -32.99 -15.40
C TYR B 33 25.06 -32.43 -16.83
N TYR B 34 24.43 -31.26 -17.01
CA TYR B 34 24.30 -30.60 -18.30
C TYR B 34 24.75 -29.15 -18.20
N LYS B 35 25.25 -28.58 -19.30
CA LYS B 35 25.72 -27.19 -19.32
C LYS B 35 24.52 -26.25 -19.20
N ALA B 36 24.53 -25.46 -18.14
CA ALA B 36 23.43 -24.53 -17.82
C ALA B 36 23.87 -23.08 -17.85
N PHE B 37 22.98 -22.24 -18.35
CA PHE B 37 23.25 -20.82 -18.50
C PHE B 37 22.27 -19.94 -17.73
N LYS B 38 22.77 -19.14 -16.80
CA LYS B 38 21.91 -18.26 -15.99
C LYS B 38 21.59 -16.98 -16.74
N ILE B 39 20.39 -16.93 -17.32
CA ILE B 39 19.94 -15.76 -18.08
C ILE B 39 19.66 -14.56 -17.17
N THR B 40 19.20 -14.86 -15.96
CA THR B 40 18.93 -13.87 -14.93
C THR B 40 18.85 -14.62 -13.61
N ASP B 41 18.74 -13.90 -12.49
CA ASP B 41 18.66 -14.51 -11.15
C ASP B 41 17.57 -15.58 -11.08
N ARG B 42 17.94 -16.75 -10.56
CA ARG B 42 17.04 -17.91 -10.39
C ARG B 42 16.50 -18.58 -11.66
N ILE B 43 16.83 -18.05 -12.84
CA ILE B 43 16.35 -18.61 -14.10
C ILE B 43 17.51 -19.12 -14.97
N TRP B 44 17.45 -20.40 -15.30
CA TRP B 44 18.49 -21.08 -16.08
C TRP B 44 18.00 -21.62 -17.41
N ILE B 45 18.87 -21.59 -18.42
CA ILE B 45 18.54 -22.14 -19.74
C ILE B 45 19.50 -23.31 -20.00
N ILE B 46 18.95 -24.49 -20.27
CA ILE B 46 19.76 -25.65 -20.63
C ILE B 46 19.29 -25.84 -22.07
N PRO B 47 20.09 -25.37 -23.06
CA PRO B 47 19.76 -25.48 -24.48
C PRO B 47 19.92 -26.86 -25.09
N GLU B 48 19.23 -27.83 -24.51
CA GLU B 48 19.26 -29.21 -24.97
C GLU B 48 17.83 -29.69 -25.05
N ARG B 49 17.62 -30.82 -25.72
CA ARG B 49 16.29 -31.40 -25.86
C ARG B 49 15.81 -31.97 -24.52
N TYR B 50 14.51 -31.84 -24.26
CA TYR B 50 13.88 -32.33 -23.05
C TYR B 50 13.62 -33.82 -23.25
N THR B 51 14.42 -34.64 -22.56
CA THR B 51 14.38 -36.10 -22.67
C THR B 51 13.63 -36.85 -21.56
N PHE B 52 13.42 -36.21 -20.41
CA PHE B 52 12.75 -36.84 -19.25
C PHE B 52 11.39 -37.46 -19.47
N GLY B 53 11.34 -38.78 -19.31
CA GLY B 53 10.10 -39.54 -19.49
C GLY B 53 9.83 -39.89 -20.94
N TYR B 54 10.84 -39.69 -21.79
CA TYR B 54 10.74 -39.96 -23.22
C TYR B 54 11.87 -40.88 -23.71
N LYS B 55 11.52 -41.77 -24.62
CA LYS B 55 12.46 -42.72 -25.22
C LYS B 55 13.12 -42.02 -26.43
N PRO B 56 14.36 -42.44 -26.83
CA PRO B 56 15.03 -41.81 -27.98
C PRO B 56 14.27 -41.91 -29.31
N GLU B 57 13.49 -42.98 -29.46
CA GLU B 57 12.68 -43.24 -30.66
C GLU B 57 11.44 -42.33 -30.80
N ASP B 58 11.03 -41.71 -29.69
CA ASP B 58 9.88 -40.79 -29.65
C ASP B 58 10.16 -39.49 -30.38
N PHE B 59 11.44 -39.09 -30.42
CA PHE B 59 11.88 -37.86 -31.07
C PHE B 59 11.88 -37.90 -32.59
N ASN B 60 11.90 -39.11 -33.14
CA ASN B 60 11.90 -39.33 -34.58
C ASN B 60 10.55 -39.04 -35.22
N LYS B 61 10.59 -38.65 -36.50
CA LYS B 61 9.39 -38.36 -37.29
C LYS B 61 8.61 -39.66 -37.51
N SER B 62 7.36 -39.54 -37.94
CA SER B 62 6.52 -40.70 -38.22
C SER B 62 7.13 -41.44 -39.42
N SER B 63 6.80 -42.71 -39.56
CA SER B 63 7.34 -43.55 -40.63
C SER B 63 7.22 -42.98 -42.07
N GLY B 64 6.17 -42.19 -42.30
CA GLY B 64 5.97 -41.57 -43.61
C GLY B 64 5.06 -40.35 -43.60
N ILE B 65 4.71 -39.88 -44.79
CA ILE B 65 3.84 -38.70 -44.95
C ILE B 65 2.38 -38.98 -44.62
N PHE B 66 1.97 -40.22 -44.82
CA PHE B 66 0.59 -40.66 -44.59
C PHE B 66 0.14 -40.79 -43.14
N ASN B 67 1.07 -41.01 -42.21
CA ASN B 67 0.72 -41.11 -40.80
C ASN B 67 1.22 -39.92 -39.99
N ARG B 68 1.63 -38.87 -40.71
CA ARG B 68 2.12 -37.63 -40.13
C ARG B 68 0.96 -36.70 -39.77
N ASP B 69 1.15 -35.91 -38.72
CA ASP B 69 0.14 -34.96 -38.25
C ASP B 69 0.77 -33.58 -38.28
N VAL B 70 0.16 -32.70 -39.07
CA VAL B 70 0.61 -31.31 -39.27
C VAL B 70 0.64 -30.47 -37.99
N CSD B 71 -0.19 -30.87 -37.02
CA CSD B 71 -0.29 -30.18 -35.74
CB CSD B 71 -1.72 -30.33 -35.20
SG CSD B 71 -2.88 -29.19 -35.95
C CSD B 71 0.76 -30.60 -34.72
O CSD B 71 0.91 -30.00 -33.66
OD1 CSD B 71 -2.81 -27.84 -35.52
OD2 CSD B 71 -3.72 -29.67 -36.98
N GLU B 72 1.50 -31.66 -35.05
CA GLU B 72 2.56 -32.19 -34.20
C GLU B 72 3.87 -32.32 -34.98
N TYR B 73 4.75 -31.32 -34.88
CA TYR B 73 6.03 -31.36 -35.59
C TYR B 73 7.18 -32.01 -34.82
N TYR B 74 7.79 -33.02 -35.46
CA TYR B 74 8.91 -33.78 -34.92
C TYR B 74 10.16 -33.55 -35.76
N ASP B 75 11.30 -33.40 -35.10
CA ASP B 75 12.60 -33.19 -35.73
C ASP B 75 13.67 -33.55 -34.70
N PRO B 76 14.28 -34.76 -34.82
CA PRO B 76 15.32 -35.21 -33.87
C PRO B 76 16.61 -34.41 -33.96
N ASP B 77 16.80 -33.74 -35.10
CA ASP B 77 17.97 -32.93 -35.39
C ASP B 77 17.97 -31.52 -34.81
N TYR B 78 16.85 -31.08 -34.26
CA TYR B 78 16.76 -29.74 -33.65
C TYR B 78 17.65 -29.79 -32.39
N LEU B 79 18.57 -28.83 -32.30
CA LEU B 79 19.56 -28.69 -31.22
C LEU B 79 20.66 -29.78 -31.19
N ASN B 80 20.99 -30.37 -32.34
CA ASN B 80 22.03 -31.42 -32.39
C ASN B 80 23.48 -30.95 -32.55
N THR B 81 23.69 -29.64 -32.67
CA THR B 81 25.05 -29.08 -32.80
C THR B 81 25.23 -27.98 -31.76
N ASN B 82 26.49 -27.58 -31.55
CA ASN B 82 26.84 -26.52 -30.60
C ASN B 82 26.40 -25.14 -31.11
N ASP B 83 26.34 -24.98 -32.44
CA ASP B 83 25.93 -23.73 -33.09
C ASP B 83 24.42 -23.55 -32.92
N LYS B 84 23.68 -24.65 -33.07
CA LYS B 84 22.22 -24.65 -32.91
C LYS B 84 21.85 -24.36 -31.45
N LYS B 85 22.71 -24.82 -30.53
CA LYS B 85 22.51 -24.60 -29.10
C LYS B 85 22.81 -23.14 -28.75
N ASN B 86 23.71 -22.52 -29.51
CA ASN B 86 24.09 -21.12 -29.32
C ASN B 86 22.98 -20.23 -29.87
N ILE B 87 22.42 -20.61 -31.02
CA ILE B 87 21.33 -19.86 -31.66
C ILE B 87 20.12 -19.82 -30.71
N PHE B 88 19.91 -20.93 -29.99
CA PHE B 88 18.82 -21.07 -29.01
C PHE B 88 19.02 -20.07 -27.87
N LEU B 89 20.23 -20.04 -27.32
CA LEU B 89 20.58 -19.13 -26.23
C LEU B 89 20.38 -17.67 -26.59
N GLN B 90 20.81 -17.29 -27.80
CA GLN B 90 20.69 -15.91 -28.27
C GLN B 90 19.25 -15.49 -28.54
N THR B 91 18.41 -16.47 -28.91
CA THR B 91 16.99 -16.22 -29.17
C THR B 91 16.27 -16.01 -27.85
N MET B 92 16.65 -16.80 -26.83
CA MET B 92 16.05 -16.70 -25.49
C MET B 92 16.39 -15.37 -24.83
N ILE B 93 17.60 -14.87 -25.08
CA ILE B 93 18.07 -13.60 -24.54
C ILE B 93 17.24 -12.47 -25.14
N LYS B 94 17.01 -12.55 -26.46
CA LYS B 94 16.22 -11.57 -27.20
C LYS B 94 14.78 -11.58 -26.72
N LEU B 95 14.23 -12.78 -26.50
CA LEU B 95 12.84 -12.92 -26.04
C LEU B 95 12.65 -12.41 -24.62
N PHE B 96 13.68 -12.61 -23.78
CA PHE B 96 13.66 -12.16 -22.39
C PHE B 96 13.80 -10.64 -22.33
N ASN B 97 14.58 -10.07 -23.26
CA ASN B 97 14.79 -8.63 -23.37
C ASN B 97 13.52 -7.94 -23.84
N ARG B 98 12.73 -8.64 -24.66
CA ARG B 98 11.46 -8.15 -25.18
C ARG B 98 10.41 -8.18 -24.07
N ILE B 99 10.47 -9.22 -23.23
CA ILE B 99 9.54 -9.37 -22.11
C ILE B 99 9.76 -8.23 -21.10
N LYS B 100 11.01 -7.88 -20.84
CA LYS B 100 11.27 -6.80 -19.89
C LYS B 100 11.28 -5.39 -20.48
N SER B 101 10.93 -5.26 -21.76
CA SER B 101 10.92 -3.95 -22.44
C SER B 101 9.76 -3.06 -21.98
N LYS B 102 8.72 -3.67 -21.42
CA LYS B 102 7.53 -2.98 -20.88
C LYS B 102 7.32 -3.36 -19.40
N PRO B 103 6.77 -2.44 -18.56
CA PRO B 103 6.53 -2.71 -17.13
C PRO B 103 5.79 -3.98 -16.72
N LEU B 104 4.81 -4.41 -17.51
CA LEU B 104 4.03 -5.61 -17.20
C LEU B 104 4.86 -6.91 -17.26
N GLY B 105 5.65 -7.07 -18.33
CA GLY B 105 6.50 -8.24 -18.49
C GLY B 105 7.66 -8.22 -17.50
N GLU B 106 8.09 -7.01 -17.15
CA GLU B 106 9.17 -6.77 -16.18
C GLU B 106 8.70 -7.23 -14.79
N LYS B 107 7.44 -6.93 -14.48
CA LYS B 107 6.82 -7.30 -13.21
C LYS B 107 6.66 -8.83 -13.12
N LEU B 108 6.32 -9.48 -14.24
CA LEU B 108 6.17 -10.95 -14.30
C LEU B 108 7.49 -11.62 -13.94
N LEU B 109 8.59 -11.10 -14.50
CA LEU B 109 9.92 -11.61 -14.24
C LEU B 109 10.37 -11.39 -12.79
N GLU B 110 10.08 -10.19 -12.25
CA GLU B 110 10.43 -9.85 -10.86
C GLU B 110 9.66 -10.74 -9.87
N MET B 111 8.40 -11.04 -10.19
CA MET B 111 7.56 -11.90 -9.36
C MET B 111 8.01 -13.36 -9.40
N ILE B 112 8.52 -13.81 -10.55
CA ILE B 112 9.01 -15.16 -10.75
C ILE B 112 10.33 -15.35 -9.96
N ILE B 113 11.22 -14.36 -10.06
CA ILE B 113 12.52 -14.37 -9.38
C ILE B 113 12.39 -14.33 -7.85
N ASN B 114 11.53 -13.44 -7.36
CA ASN B 114 11.32 -13.26 -5.91
C ASN B 114 10.40 -14.29 -5.28
N GLY B 115 9.70 -15.05 -6.11
CA GLY B 115 8.79 -16.08 -5.64
C GLY B 115 9.49 -17.40 -5.38
N ILE B 116 10.47 -17.37 -4.48
CA ILE B 116 11.27 -18.54 -4.12
C ILE B 116 10.43 -19.68 -3.54
N PRO B 117 10.65 -20.92 -4.02
CA PRO B 117 9.86 -22.04 -3.50
C PRO B 117 10.10 -22.19 -1.99
N TYR B 118 9.08 -22.69 -1.28
CA TYR B 118 9.23 -22.92 0.16
C TYR B 118 10.29 -24.01 0.33
N LEU B 119 11.12 -23.86 1.36
CA LEU B 119 12.17 -24.82 1.65
C LEU B 119 11.55 -26.09 2.24
N GLY B 120 10.82 -26.82 1.41
CA GLY B 120 10.17 -28.05 1.84
C GLY B 120 8.91 -28.38 1.06
N ASP B 121 8.36 -29.56 1.34
CA ASP B 121 7.11 -30.01 0.74
C ASP B 121 6.29 -30.68 1.84
N ARG B 122 5.24 -31.40 1.48
CA ARG B 122 4.38 -32.06 2.47
C ARG B 122 5.01 -33.15 3.33
N ARG B 123 6.14 -33.70 2.87
CA ARG B 123 6.87 -34.78 3.56
C ARG B 123 7.75 -34.23 4.69
N VAL B 124 8.04 -32.94 4.59
CA VAL B 124 8.88 -32.22 5.55
C VAL B 124 8.05 -31.84 6.79
N PRO B 125 8.58 -32.10 8.02
CA PRO B 125 7.83 -31.75 9.24
C PRO B 125 7.61 -30.24 9.38
N LEU B 126 6.49 -29.86 9.99
CA LEU B 126 6.10 -28.45 10.17
C LEU B 126 7.14 -27.58 10.85
N GLU B 127 7.94 -28.17 11.73
CA GLU B 127 8.96 -27.45 12.48
C GLU B 127 10.30 -27.31 11.74
N GLU B 128 10.35 -27.84 10.52
CA GLU B 128 11.58 -27.85 9.73
C GLU B 128 11.54 -27.22 8.33
N PHE B 129 12.72 -26.75 7.91
CA PHE B 129 12.94 -26.23 6.57
C PHE B 129 13.87 -27.31 6.03
N ASN B 130 13.59 -27.83 4.83
CA ASN B 130 14.46 -28.84 4.24
C ASN B 130 14.70 -28.46 2.79
N THR B 131 15.94 -28.06 2.50
CA THR B 131 16.36 -27.63 1.17
C THR B 131 16.95 -28.76 0.34
N ASN B 132 16.99 -29.96 0.91
CA ASN B 132 17.55 -31.14 0.24
C ASN B 132 16.49 -31.91 -0.57
N ILE B 133 15.72 -31.17 -1.36
CA ILE B 133 14.71 -31.78 -2.23
C ILE B 133 14.76 -31.19 -3.64
N ALA B 134 14.37 -31.99 -4.63
CA ALA B 134 14.38 -31.60 -6.06
C ALA B 134 13.57 -30.36 -6.42
N SER B 135 12.57 -30.06 -5.61
CA SER B 135 11.72 -28.90 -5.82
C SER B 135 12.27 -27.61 -5.21
N VAL B 136 13.38 -27.73 -4.50
CA VAL B 136 14.02 -26.57 -3.86
C VAL B 136 15.45 -26.33 -4.36
N THR B 137 16.25 -27.40 -4.50
CA THR B 137 17.62 -27.25 -4.98
C THR B 137 17.98 -28.14 -6.16
N VAL B 138 19.00 -27.73 -6.90
CA VAL B 138 19.54 -28.50 -8.02
C VAL B 138 21.03 -28.57 -7.72
N ASN B 139 21.63 -29.71 -8.01
CA ASN B 139 23.07 -29.91 -7.75
C ASN B 139 23.96 -29.29 -8.83
N LYS B 140 24.99 -28.58 -8.38
CA LYS B 140 25.98 -27.92 -9.22
C LYS B 140 27.34 -28.62 -9.05
N LEU B 141 27.98 -28.99 -10.16
CA LEU B 141 29.29 -29.67 -10.13
C LEU B 141 30.44 -28.70 -9.84
N ILE B 142 31.11 -28.91 -8.71
CA ILE B 142 32.23 -28.04 -8.33
C ILE B 142 33.61 -28.70 -8.52
N SER B 143 33.59 -29.90 -9.11
CA SER B 143 34.83 -30.62 -9.41
C SER B 143 35.22 -30.38 -10.87
N ASN B 144 36.52 -30.31 -11.12
CA ASN B 144 37.07 -30.09 -12.46
C ASN B 144 37.04 -31.43 -13.24
N PRO B 145 37.16 -31.41 -14.60
CA PRO B 145 37.14 -32.70 -15.32
C PRO B 145 38.28 -33.65 -14.94
N GLY B 146 37.91 -34.92 -14.73
CA GLY B 146 38.87 -35.94 -14.33
C GLY B 146 38.74 -36.36 -12.88
N GLU B 147 38.63 -35.37 -11.98
CA GLU B 147 38.49 -35.58 -10.53
C GLU B 147 37.17 -36.25 -10.16
N VAL B 148 37.09 -36.84 -8.98
CA VAL B 148 35.85 -37.49 -8.51
C VAL B 148 34.81 -36.40 -8.24
N GLU B 149 33.59 -36.61 -8.76
CA GLU B 149 32.46 -35.68 -8.63
C GLU B 149 32.20 -35.11 -7.24
N ARG B 150 32.25 -33.79 -7.17
CA ARG B 150 32.00 -33.00 -5.96
C ARG B 150 30.85 -32.06 -6.34
N LYS B 151 29.82 -32.02 -5.50
CA LYS B 151 28.66 -31.19 -5.79
C LYS B 151 28.35 -30.18 -4.69
N LYS B 152 27.38 -29.31 -4.97
CA LYS B 152 26.91 -28.28 -4.05
C LYS B 152 25.48 -27.97 -4.48
N GLY B 153 24.56 -27.97 -3.51
CA GLY B 153 23.16 -27.67 -3.80
C GLY B 153 22.94 -26.18 -3.92
N ILE B 154 22.34 -25.74 -5.02
CA ILE B 154 22.06 -24.30 -5.21
C ILE B 154 20.57 -24.10 -5.46
N PHE B 155 20.08 -22.92 -5.08
CA PHE B 155 18.67 -22.57 -5.28
C PHE B 155 18.42 -22.19 -6.75
N ALA B 156 17.20 -22.38 -7.20
CA ALA B 156 16.76 -22.07 -8.57
C ALA B 156 15.25 -22.01 -8.55
N ASN B 157 14.67 -21.26 -9.48
CA ASN B 157 13.22 -21.14 -9.58
C ASN B 157 12.74 -21.72 -10.89
N LEU B 158 13.52 -21.49 -11.94
CA LEU B 158 13.11 -21.94 -13.27
C LEU B 158 14.25 -22.41 -14.16
N ILE B 159 14.00 -23.51 -14.85
CA ILE B 159 14.97 -24.06 -15.77
C ILE B 159 14.22 -24.24 -17.10
N ILE B 160 14.68 -23.57 -18.15
CA ILE B 160 14.04 -23.70 -19.46
C ILE B 160 14.90 -24.60 -20.34
N PHE B 161 14.28 -25.63 -20.89
CA PHE B 161 14.94 -26.58 -21.78
C PHE B 161 14.44 -26.31 -23.18
N GLY B 162 15.06 -27.01 -24.14
CA GLY B 162 14.65 -26.98 -25.52
C GLY B 162 13.43 -27.89 -25.57
N PRO B 163 12.79 -28.07 -26.73
CA PRO B 163 11.60 -28.93 -26.81
C PRO B 163 11.78 -30.42 -26.58
N GLY B 164 10.65 -31.08 -26.39
CA GLY B 164 10.61 -32.51 -26.23
C GLY B 164 10.41 -33.05 -27.64
N PRO B 165 9.79 -34.22 -27.82
CA PRO B 165 9.54 -34.81 -29.14
C PRO B 165 8.80 -33.87 -30.10
N VAL B 166 7.68 -33.32 -29.63
CA VAL B 166 6.88 -32.39 -30.41
C VAL B 166 7.39 -30.97 -30.16
N LEU B 167 7.99 -30.38 -31.19
CA LEU B 167 8.57 -29.05 -31.13
C LEU B 167 7.62 -27.91 -30.81
N ASN B 168 6.44 -27.89 -31.45
CA ASN B 168 5.47 -26.83 -31.23
C ASN B 168 4.61 -26.95 -29.96
N GLU B 169 4.81 -28.02 -29.19
CA GLU B 169 4.04 -28.21 -27.96
C GLU B 169 4.82 -27.84 -26.72
N ASN B 170 4.85 -26.54 -26.43
CA ASN B 170 5.52 -25.97 -25.27
C ASN B 170 4.75 -26.35 -24.01
N GLU B 171 5.46 -26.66 -22.93
CA GLU B 171 4.81 -27.06 -21.68
C GLU B 171 5.62 -26.68 -20.45
N THR B 172 4.92 -26.25 -19.40
CA THR B 172 5.54 -25.90 -18.12
C THR B 172 5.25 -27.09 -17.21
N ILE B 173 6.32 -27.63 -16.62
CA ILE B 173 6.22 -28.85 -15.79
C ILE B 173 6.62 -28.65 -14.34
N ASP B 174 5.87 -29.30 -13.46
CA ASP B 174 6.13 -29.27 -12.02
C ASP B 174 6.55 -30.65 -11.54
N ILE B 175 7.29 -30.68 -10.43
CA ILE B 175 7.81 -31.91 -9.83
C ILE B 175 6.81 -32.61 -8.92
N GLY B 176 6.51 -33.86 -9.25
CA GLY B 176 5.59 -34.66 -8.47
C GLY B 176 6.25 -35.80 -7.75
N ILE B 177 5.96 -35.91 -6.46
CA ILE B 177 6.49 -36.97 -5.59
C ILE B 177 5.28 -37.67 -4.96
N GLN B 178 5.22 -39.00 -5.14
CA GLN B 178 4.15 -39.87 -4.61
C GLN B 178 2.72 -39.38 -4.89
N ASN B 179 2.55 -38.85 -6.12
CA ASN B 179 1.30 -38.30 -6.68
C ASN B 179 0.95 -36.86 -6.19
N HIS B 180 1.85 -36.24 -5.43
CA HIS B 180 1.62 -34.88 -4.92
C HIS B 180 2.67 -33.89 -5.39
N PHE B 181 2.22 -32.71 -5.75
CA PHE B 181 3.10 -31.65 -6.27
C PHE B 181 3.14 -30.46 -5.33
N ALA B 182 4.35 -30.07 -4.92
CA ALA B 182 4.57 -28.92 -4.04
C ALA B 182 4.09 -27.62 -4.68
N SER B 183 4.13 -27.61 -6.03
CA SER B 183 3.69 -26.49 -6.85
C SER B 183 2.19 -26.30 -6.92
N ARG B 184 1.43 -27.29 -6.44
CA ARG B 184 -0.02 -27.23 -6.45
C ARG B 184 -0.57 -27.24 -5.03
N GLU B 185 0.34 -27.19 -4.06
CA GLU B 185 0.01 -27.25 -2.64
C GLU B 185 0.44 -26.08 -1.76
N GLY B 186 0.66 -24.92 -2.36
CA GLY B 186 1.05 -23.73 -1.62
C GLY B 186 2.53 -23.51 -1.40
N PHE B 187 3.31 -24.58 -1.45
CA PHE B 187 4.76 -24.49 -1.25
C PHE B 187 5.50 -23.83 -2.39
N GLY B 188 5.17 -24.27 -3.60
CA GLY B 188 5.86 -23.81 -4.78
C GLY B 188 7.03 -24.78 -4.97
N GLY B 189 7.52 -24.89 -6.21
CA GLY B 189 8.62 -25.77 -6.50
C GLY B 189 9.33 -25.33 -7.76
N ILE B 190 10.58 -25.77 -7.95
CA ILE B 190 11.36 -25.44 -9.15
C ILE B 190 10.55 -25.86 -10.37
N MET B 191 10.30 -24.89 -11.23
CA MET B 191 9.53 -25.14 -12.43
C MET B 191 10.47 -25.40 -13.61
N GLN B 192 10.02 -26.23 -14.53
CA GLN B 192 10.80 -26.57 -15.72
C GLN B 192 9.92 -26.34 -16.92
N MET B 193 10.55 -26.05 -18.06
CA MET B 193 9.80 -25.76 -19.29
C MET B 193 10.49 -26.30 -20.54
N LYS B 194 9.70 -26.92 -21.42
CA LYS B 194 10.22 -27.36 -22.71
C LYS B 194 9.72 -26.29 -23.70
N PHE B 195 10.67 -25.56 -24.27
CA PHE B 195 10.34 -24.45 -25.16
C PHE B 195 11.08 -24.46 -26.50
N CYS B 196 10.37 -24.02 -27.54
CA CYS B 196 10.87 -23.89 -28.92
C CYS B 196 10.37 -22.56 -29.48
N PRO B 197 11.28 -21.59 -29.69
CA PRO B 197 10.90 -20.26 -30.23
C PRO B 197 10.52 -20.10 -31.70
N GLU B 198 11.05 -20.97 -32.56
CA GLU B 198 10.78 -20.86 -34.00
C GLU B 198 9.50 -21.50 -34.52
N TYR B 199 9.02 -22.54 -33.85
CA TYR B 199 7.77 -23.19 -34.28
C TYR B 199 6.59 -22.68 -33.48
N VAL B 200 6.03 -21.58 -33.99
CA VAL B 200 4.92 -20.86 -33.38
C VAL B 200 3.53 -21.31 -33.79
N SER B 201 2.53 -20.97 -32.97
CA SER B 201 1.15 -21.32 -33.24
C SER B 201 0.51 -20.33 -34.21
N VAL B 202 -0.56 -20.79 -34.88
CA VAL B 202 -1.31 -20.00 -35.85
C VAL B 202 -2.78 -20.08 -35.42
N PHE B 203 -3.53 -18.99 -35.62
CA PHE B 203 -4.95 -18.92 -35.23
C PHE B 203 -5.79 -18.05 -36.18
N ASN B 204 -7.11 -18.24 -36.16
CA ASN B 204 -8.02 -17.43 -36.98
C ASN B 204 -9.25 -16.94 -36.20
N ASN B 205 -9.35 -17.36 -34.93
CA ASN B 205 -10.44 -16.98 -34.03
C ASN B 205 -10.14 -15.59 -33.45
N VAL B 206 -10.55 -14.56 -34.18
CA VAL B 206 -10.35 -13.17 -33.78
C VAL B 206 -11.68 -12.43 -33.85
N GLN B 207 -11.77 -11.23 -33.28
CA GLN B 207 -13.01 -10.43 -33.31
C GLN B 207 -13.35 -9.99 -34.75
N GLU B 208 -12.31 -9.83 -35.57
CA GLU B 208 -12.49 -9.53 -37.01
C GLU B 208 -12.84 -10.97 -37.52
N ASN B 209 -13.00 -11.19 -38.82
CA ASN B 209 -13.38 -12.53 -39.35
C ASN B 209 -14.84 -12.93 -39.01
N LYS B 210 -15.32 -12.45 -37.86
CA LYS B 210 -16.68 -12.70 -37.38
C LYS B 210 -17.62 -11.87 -38.25
N GLY B 211 -18.25 -12.53 -39.21
CA GLY B 211 -19.16 -11.84 -40.12
C GLY B 211 -18.50 -11.31 -41.39
N ALA B 212 -17.20 -11.61 -41.55
CA ALA B 212 -16.45 -11.17 -42.73
C ALA B 212 -16.49 -12.25 -43.81
N SER B 213 -16.21 -11.86 -45.06
CA SER B 213 -16.20 -12.81 -46.18
C SER B 213 -15.03 -13.76 -46.05
N ILE B 214 -15.13 -14.92 -46.71
CA ILE B 214 -14.11 -15.96 -46.69
C ILE B 214 -12.75 -15.43 -47.15
N PHE B 215 -12.77 -14.53 -48.14
CA PHE B 215 -11.55 -13.95 -48.67
C PHE B 215 -10.90 -12.97 -47.67
N ASN B 216 -11.75 -12.22 -46.96
CA ASN B 216 -11.31 -11.24 -45.96
C ASN B 216 -10.87 -11.82 -44.61
N ARG B 217 -11.07 -13.12 -44.43
CA ARG B 217 -10.69 -13.82 -43.19
C ARG B 217 -9.18 -13.78 -42.99
N ARG B 218 -8.77 -13.27 -41.83
CA ARG B 218 -7.37 -13.14 -41.48
C ARG B 218 -6.85 -14.26 -40.56
N GLY B 219 -5.67 -14.76 -40.92
CA GLY B 219 -4.99 -15.81 -40.16
C GLY B 219 -3.66 -15.23 -39.73
N TYR B 220 -3.34 -15.36 -38.45
CA TYR B 220 -2.10 -14.81 -37.91
C TYR B 220 -1.19 -15.84 -37.26
N PHE B 221 0.10 -15.51 -37.17
CA PHE B 221 1.07 -16.35 -36.48
C PHE B 221 1.44 -15.60 -35.20
N SER B 222 1.66 -16.37 -34.14
CA SER B 222 1.97 -15.80 -32.82
C SER B 222 3.39 -15.30 -32.60
N ASP B 223 3.50 -14.31 -31.70
CA ASP B 223 4.78 -13.72 -31.32
C ASP B 223 5.33 -14.72 -30.26
N PRO B 224 6.58 -15.24 -30.45
CA PRO B 224 7.21 -16.21 -29.53
C PRO B 224 7.37 -15.69 -28.10
N ALA B 225 7.42 -14.37 -27.95
CA ALA B 225 7.55 -13.70 -26.66
C ALA B 225 6.27 -13.82 -25.84
N LEU B 226 5.12 -13.88 -26.51
CA LEU B 226 3.84 -14.02 -25.82
C LEU B 226 3.66 -15.50 -25.49
N ILE B 227 4.16 -16.37 -26.38
CA ILE B 227 4.09 -17.83 -26.16
C ILE B 227 4.95 -18.17 -24.93
N LEU B 228 6.06 -17.46 -24.77
CA LEU B 228 6.94 -17.63 -23.62
C LEU B 228 6.29 -17.04 -22.36
N MET B 229 5.66 -15.86 -22.51
CA MET B 229 4.98 -15.20 -21.38
C MET B 229 3.80 -16.00 -20.87
N HIS B 230 3.12 -16.71 -21.78
CA HIS B 230 2.00 -17.58 -21.45
C HIS B 230 2.51 -18.71 -20.54
N GLU B 231 3.66 -19.29 -20.91
CA GLU B 231 4.27 -20.36 -20.15
C GLU B 231 4.84 -19.86 -18.83
N LEU B 232 5.29 -18.60 -18.82
CA LEU B 232 5.84 -17.96 -17.63
C LEU B 232 4.76 -17.68 -16.57
N ILE B 233 3.51 -17.59 -17.00
CA ILE B 233 2.39 -17.37 -16.09
C ILE B 233 2.12 -18.69 -15.35
N HIS B 234 2.29 -19.82 -16.05
CA HIS B 234 2.12 -21.15 -15.47
C HIS B 234 3.25 -21.36 -14.46
N VAL B 235 4.43 -20.82 -14.77
CA VAL B 235 5.61 -20.89 -13.90
C VAL B 235 5.35 -20.10 -12.62
N LEU B 236 4.75 -18.91 -12.77
CA LEU B 236 4.38 -18.03 -11.67
C LEU B 236 3.40 -18.74 -10.73
N HIS B 237 2.41 -19.39 -11.33
CA HIS B 237 1.39 -20.13 -10.59
C HIS B 237 2.04 -21.26 -9.81
N GLY B 238 2.96 -21.97 -10.47
CA GLY B 238 3.69 -23.07 -9.88
C GLY B 238 4.72 -22.67 -8.83
N LEU B 239 5.22 -21.44 -8.88
CA LEU B 239 6.19 -20.97 -7.91
C LEU B 239 5.50 -20.50 -6.63
N TYR B 240 4.28 -19.98 -6.77
CA TYR B 240 3.49 -19.51 -5.63
C TYR B 240 2.60 -20.62 -5.06
N GLY B 241 2.77 -21.82 -5.62
CA GLY B 241 2.04 -23.01 -5.19
C GLY B 241 0.56 -23.07 -5.48
N ILE B 242 0.10 -22.25 -6.41
CA ILE B 242 -1.32 -22.17 -6.75
C ILE B 242 -1.77 -22.77 -8.09
N LYS B 243 -0.92 -23.58 -8.70
CA LYS B 243 -1.24 -24.24 -9.98
C LYS B 243 -2.42 -25.19 -9.75
N VAL B 244 -3.48 -24.97 -10.50
CA VAL B 244 -4.71 -25.78 -10.39
C VAL B 244 -4.53 -27.14 -11.06
N ASP B 245 -4.77 -28.22 -10.31
CA ASP B 245 -4.64 -29.56 -10.89
C ASP B 245 -5.96 -30.17 -11.31
N ASP B 246 -5.87 -31.05 -12.31
CA ASP B 246 -6.96 -31.80 -12.92
C ASP B 246 -8.40 -31.35 -12.64
N LEU B 247 -8.83 -30.37 -13.42
CA LEU B 247 -10.18 -29.80 -13.33
C LEU B 247 -10.59 -29.34 -14.72
N PRO B 248 -11.16 -30.26 -15.54
CA PRO B 248 -11.60 -29.91 -16.90
C PRO B 248 -12.96 -29.21 -16.91
N ILE B 249 -12.96 -27.97 -17.38
CA ILE B 249 -14.17 -27.16 -17.45
C ILE B 249 -14.92 -27.41 -18.76
N VAL B 250 -16.08 -28.05 -18.64
CA VAL B 250 -16.94 -28.35 -19.77
C VAL B 250 -17.92 -27.18 -19.89
N PRO B 251 -17.91 -26.48 -21.04
CA PRO B 251 -18.83 -25.35 -21.20
C PRO B 251 -20.24 -25.79 -21.58
N ASN B 252 -21.21 -25.06 -21.04
CA ASN B 252 -22.61 -25.29 -21.33
C ASN B 252 -22.96 -24.07 -22.14
N GLU B 253 -22.98 -24.31 -23.45
CA GLU B 253 -23.27 -23.33 -24.51
C GLU B 253 -22.04 -22.58 -25.03
N LYS B 254 -21.92 -22.54 -26.36
CA LYS B 254 -20.85 -21.86 -27.07
C LYS B 254 -21.15 -20.36 -27.09
N LYS B 255 -20.15 -19.57 -26.68
CA LYS B 255 -20.28 -18.12 -26.66
C LYS B 255 -19.56 -17.54 -27.88
N PHE B 256 -19.80 -16.26 -28.17
CA PHE B 256 -19.21 -15.59 -29.34
C PHE B 256 -17.69 -15.72 -29.57
N PHE B 257 -16.95 -15.69 -28.46
CA PHE B 257 -15.49 -15.77 -28.47
C PHE B 257 -14.92 -17.18 -28.62
N MET B 258 -15.79 -18.18 -28.44
CA MET B 258 -15.42 -19.60 -28.51
C MET B 258 -15.62 -20.26 -29.89
N GLN B 259 -14.51 -20.58 -30.56
CA GLN B 259 -14.53 -21.23 -31.87
C GLN B 259 -14.81 -22.75 -31.70
N SER B 260 -14.45 -23.28 -30.53
CA SER B 260 -14.68 -24.71 -30.19
C SER B 260 -15.23 -24.84 -28.76
N THR B 261 -15.82 -25.99 -28.44
CA THR B 261 -16.41 -26.23 -27.12
C THR B 261 -15.84 -27.39 -26.31
N ASP B 262 -14.70 -27.93 -26.74
CA ASP B 262 -14.10 -29.06 -26.03
C ASP B 262 -13.50 -28.65 -24.69
N ALA B 263 -13.79 -29.45 -23.68
CA ALA B 263 -13.34 -29.27 -22.29
C ALA B 263 -11.87 -28.95 -22.13
N ILE B 264 -11.57 -27.91 -21.36
CA ILE B 264 -10.20 -27.45 -21.09
C ILE B 264 -9.97 -27.30 -19.58
N GLN B 265 -8.71 -27.48 -19.18
CA GLN B 265 -8.26 -27.36 -17.79
C GLN B 265 -8.45 -25.95 -17.24
N ALA B 266 -8.82 -25.85 -15.97
CA ALA B 266 -9.04 -24.58 -15.28
C ALA B 266 -7.78 -23.71 -15.28
N GLU B 267 -6.63 -24.38 -15.17
CA GLU B 267 -5.33 -23.71 -15.16
C GLU B 267 -5.09 -22.93 -16.47
N GLU B 268 -5.51 -23.49 -17.61
CA GLU B 268 -5.36 -22.85 -18.91
C GLU B 268 -6.29 -21.64 -19.13
N LEU B 269 -7.53 -21.76 -18.64
CA LEU B 269 -8.55 -20.71 -18.73
C LEU B 269 -8.17 -19.43 -17.98
N TYR B 270 -7.60 -19.60 -16.79
CA TYR B 270 -7.15 -18.49 -15.94
C TYR B 270 -5.89 -17.84 -16.51
N THR B 271 -4.99 -18.68 -17.01
CA THR B 271 -3.73 -18.26 -17.60
C THR B 271 -4.02 -17.50 -18.91
N PHE B 272 -5.02 -17.96 -19.67
CA PHE B 272 -5.39 -17.28 -20.91
C PHE B 272 -6.08 -15.97 -20.56
N GLY B 273 -7.14 -16.08 -19.77
CA GLY B 273 -7.89 -14.91 -19.35
C GLY B 273 -8.94 -14.42 -20.35
N GLY B 274 -9.08 -13.10 -20.45
CA GLY B 274 -10.06 -12.50 -21.35
C GLY B 274 -11.45 -12.77 -20.83
N GLN B 275 -12.21 -13.57 -21.57
CA GLN B 275 -13.56 -13.93 -21.18
C GLN B 275 -13.67 -15.43 -20.86
N ASP B 276 -12.50 -16.08 -20.79
CA ASP B 276 -12.43 -17.50 -20.49
C ASP B 276 -12.72 -17.94 -19.03
N PRO B 277 -12.42 -17.11 -18.01
CA PRO B 277 -12.73 -17.54 -16.63
C PRO B 277 -14.23 -17.47 -16.28
N SER B 278 -15.00 -16.78 -17.12
CA SER B 278 -16.46 -16.63 -16.90
C SER B 278 -17.26 -17.90 -17.23
N ILE B 279 -16.61 -18.81 -17.95
CA ILE B 279 -17.18 -20.09 -18.37
C ILE B 279 -17.24 -21.06 -17.18
N ILE B 280 -16.46 -20.73 -16.15
CA ILE B 280 -16.37 -21.50 -14.93
C ILE B 280 -17.56 -21.16 -14.03
N THR B 281 -18.17 -22.19 -13.42
CA THR B 281 -19.31 -22.02 -12.51
C THR B 281 -18.82 -21.33 -11.22
N PRO B 282 -19.68 -20.51 -10.55
CA PRO B 282 -19.21 -19.84 -9.32
C PRO B 282 -18.72 -20.78 -8.21
N SER B 283 -19.30 -21.98 -8.13
CA SER B 283 -18.91 -22.96 -7.10
C SER B 283 -17.49 -23.51 -7.34
N THR B 284 -17.16 -23.73 -8.62
CA THR B 284 -15.84 -24.21 -9.01
C THR B 284 -14.80 -23.09 -8.83
N ASP B 285 -15.20 -21.87 -9.19
CA ASP B 285 -14.38 -20.66 -9.06
C ASP B 285 -14.08 -20.36 -7.57
N LYS B 286 -15.07 -20.63 -6.71
CA LYS B 286 -14.98 -20.44 -5.26
C LYS B 286 -14.15 -21.55 -4.62
N SER B 287 -14.32 -22.80 -5.06
CA SER B 287 -13.56 -23.92 -4.51
C SER B 287 -12.06 -23.88 -4.85
N ILE B 288 -11.71 -23.16 -5.92
CA ILE B 288 -10.33 -22.97 -6.37
C ILE B 288 -9.68 -21.94 -5.43
N TYR B 289 -10.44 -20.88 -5.14
CA TYR B 289 -10.06 -19.78 -4.25
C TYR B 289 -9.86 -20.36 -2.83
N ASP B 290 -10.82 -21.19 -2.40
CA ASP B 290 -10.81 -21.85 -1.08
C ASP B 290 -9.62 -22.77 -0.90
N LYS B 291 -9.26 -23.51 -1.96
CA LYS B 291 -8.13 -24.45 -1.96
C LYS B 291 -6.82 -23.70 -1.74
N VAL B 292 -6.67 -22.57 -2.44
CA VAL B 292 -5.48 -21.72 -2.33
C VAL B 292 -5.37 -21.16 -0.91
N LEU B 293 -6.51 -20.81 -0.31
CA LEU B 293 -6.56 -20.28 1.06
C LEU B 293 -6.17 -21.36 2.06
N GLN B 294 -6.75 -22.56 1.90
CA GLN B 294 -6.48 -23.72 2.77
C GLN B 294 -4.99 -24.08 2.70
N ASN B 295 -4.40 -24.01 1.50
CA ASN B 295 -2.98 -24.30 1.30
C ASN B 295 -2.07 -23.24 1.87
N PHE B 296 -2.49 -21.97 1.76
CA PHE B 296 -1.71 -20.85 2.32
C PHE B 296 -1.79 -20.87 3.84
N ARG B 297 -2.90 -21.39 4.37
CA ARG B 297 -3.11 -21.54 5.83
C ARG B 297 -2.16 -22.62 6.34
N GLY B 298 -1.83 -23.57 5.45
CA GLY B 298 -0.89 -24.65 5.77
C GLY B 298 0.50 -24.08 5.89
N ILE B 299 0.86 -23.14 5.01
CA ILE B 299 2.17 -22.50 5.01
C ILE B 299 2.32 -21.52 6.17
N VAL B 300 1.25 -20.83 6.54
CA VAL B 300 1.33 -19.87 7.66
C VAL B 300 1.60 -20.60 8.99
N ASP B 301 1.01 -21.80 9.11
CA ASP B 301 1.17 -22.66 10.27
C ASP B 301 2.60 -23.19 10.34
N ARG B 302 3.16 -23.53 9.18
CA ARG B 302 4.54 -24.02 9.10
C ARG B 302 5.52 -22.94 9.51
N LEU B 303 5.23 -21.71 9.10
CA LEU B 303 6.06 -20.55 9.42
C LEU B 303 5.99 -20.18 10.89
N ASN B 304 4.85 -20.46 11.52
CA ASN B 304 4.65 -20.20 12.95
C ASN B 304 5.31 -21.28 13.79
N LYS B 305 5.50 -22.46 13.20
CA LYS B 305 6.12 -23.59 13.87
C LYS B 305 7.58 -23.87 13.52
N VAL B 306 8.10 -23.26 12.45
CA VAL B 306 9.49 -23.50 12.02
C VAL B 306 10.60 -23.09 13.00
N LEU B 307 11.49 -24.05 13.26
CA LEU B 307 12.58 -23.87 14.23
C LEU B 307 13.99 -24.11 13.71
N VAL B 308 14.15 -25.06 12.79
CA VAL B 308 15.48 -25.40 12.29
C VAL B 308 15.54 -25.80 10.80
N CYS B 309 16.65 -25.47 10.16
CA CYS B 309 16.87 -25.87 8.78
C CYS B 309 17.78 -27.09 8.93
N ILE B 310 17.18 -28.26 8.75
CA ILE B 310 17.83 -29.55 8.92
C ILE B 310 18.95 -29.90 7.92
N SER B 311 18.91 -29.28 6.74
CA SER B 311 19.91 -29.49 5.68
C SER B 311 20.98 -28.40 5.62
N ASP B 312 20.64 -27.21 6.10
CA ASP B 312 21.56 -26.06 6.08
C ASP B 312 21.65 -25.31 7.41
N PRO B 313 22.80 -25.43 8.10
CA PRO B 313 23.05 -24.78 9.40
C PRO B 313 23.27 -23.27 9.32
N ASN B 314 23.50 -22.77 8.11
CA ASN B 314 23.72 -21.33 7.89
C ASN B 314 22.50 -20.53 7.47
N ILE B 315 21.44 -21.24 7.05
CA ILE B 315 20.19 -20.58 6.67
C ILE B 315 19.59 -20.01 7.96
N ASN B 316 19.51 -18.69 7.99
CA ASN B 316 18.94 -17.95 9.11
C ASN B 316 17.42 -18.08 8.97
N ILE B 317 16.81 -18.66 9.99
CA ILE B 317 15.38 -18.91 10.06
C ILE B 317 14.53 -17.65 9.97
N ASN B 318 14.92 -16.59 10.69
CA ASN B 318 14.18 -15.33 10.68
C ASN B 318 14.23 -14.57 9.36
N ILE B 319 15.32 -14.71 8.61
CA ILE B 319 15.48 -14.07 7.30
C ILE B 319 14.54 -14.76 6.31
N TYR B 320 14.51 -16.09 6.36
CA TYR B 320 13.66 -16.87 5.48
C TYR B 320 12.19 -16.83 5.82
N LYS B 321 11.87 -16.61 7.10
CA LYS B 321 10.48 -16.47 7.54
C LYS B 321 9.95 -15.17 6.96
N ASN B 322 10.77 -14.12 7.02
CA ASN B 322 10.43 -12.81 6.46
C ASN B 322 10.37 -12.80 4.93
N LYS B 323 11.16 -13.67 4.28
CA LYS B 323 11.15 -13.80 2.82
C LYS B 323 9.83 -14.46 2.39
N PHE B 324 9.35 -15.39 3.22
CA PHE B 324 8.09 -16.07 2.94
C PHE B 324 6.87 -15.25 3.35
N LYS B 325 7.07 -14.33 4.29
CA LYS B 325 6.03 -13.42 4.76
C LYS B 325 5.73 -12.45 3.62
N ASP B 326 6.80 -11.97 2.96
CA ASP B 326 6.74 -11.04 1.81
C ASP B 326 6.15 -11.75 0.59
N LYS B 327 6.62 -12.96 0.30
CA LYS B 327 6.18 -13.75 -0.84
C LYS B 327 4.66 -13.98 -0.84
N TYR B 328 4.15 -14.46 0.29
CA TYR B 328 2.75 -14.76 0.45
C TYR B 328 1.87 -13.63 1.03
N LYS B 329 2.47 -12.47 1.28
CA LYS B 329 1.79 -11.28 1.83
C LYS B 329 1.08 -11.54 3.18
N PHE B 330 1.76 -12.30 4.04
CA PHE B 330 1.24 -12.65 5.37
C PHE B 330 1.43 -11.47 6.33
N VAL B 331 0.63 -11.41 7.37
CA VAL B 331 0.74 -10.35 8.37
C VAL B 331 1.32 -10.91 9.66
N GLU B 332 1.95 -10.04 10.45
CA GLU B 332 2.62 -10.41 11.70
C GLU B 332 2.10 -9.61 12.90
N ASP B 333 1.79 -10.29 14.01
CA ASP B 333 1.34 -9.59 15.21
C ASP B 333 2.54 -9.11 16.03
N SER B 334 2.33 -8.59 17.23
CA SER B 334 3.46 -8.10 18.03
C SER B 334 4.33 -9.20 18.63
N GLU B 335 3.78 -10.42 18.72
CA GLU B 335 4.51 -11.57 19.25
C GLU B 335 5.35 -12.21 18.14
N GLY B 336 5.09 -11.81 16.89
CA GLY B 336 5.82 -12.34 15.76
C GLY B 336 5.04 -13.38 14.97
N LYS B 337 3.85 -13.73 15.47
CA LYS B 337 2.97 -14.73 14.85
C LYS B 337 2.37 -14.23 13.54
N TYR B 338 2.47 -15.09 12.53
CA TYR B 338 1.96 -14.81 11.21
C TYR B 338 0.52 -15.27 11.07
N SER B 339 -0.23 -14.59 10.21
CA SER B 339 -1.62 -14.90 9.94
C SER B 339 -1.96 -14.40 8.53
N ILE B 340 -3.10 -14.83 8.02
CA ILE B 340 -3.56 -14.40 6.72
C ILE B 340 -4.49 -13.20 6.88
N ASP B 341 -4.24 -12.16 6.10
CA ASP B 341 -5.09 -10.98 6.10
C ASP B 341 -5.88 -11.14 4.80
N VAL B 342 -7.22 -11.16 4.88
CA VAL B 342 -8.09 -11.31 3.70
C VAL B 342 -7.86 -10.33 2.56
N GLU B 343 -7.67 -9.05 2.87
CA GLU B 343 -7.45 -8.02 1.87
C GLU B 343 -6.11 -8.21 1.15
N SER B 344 -5.09 -8.59 1.94
CA SER B 344 -3.73 -8.85 1.46
C SER B 344 -3.73 -10.11 0.59
N PHE B 345 -4.51 -11.10 1.03
CA PHE B 345 -4.64 -12.37 0.34
C PHE B 345 -5.39 -12.18 -0.98
N ASP B 346 -6.49 -11.42 -0.94
CA ASP B 346 -7.31 -11.15 -2.12
C ASP B 346 -6.54 -10.40 -3.19
N LYS B 347 -5.72 -9.43 -2.78
CA LYS B 347 -4.91 -8.63 -3.70
C LYS B 347 -3.86 -9.49 -4.39
N LEU B 348 -3.19 -10.35 -3.63
CA LEU B 348 -2.17 -11.25 -4.18
C LEU B 348 -2.81 -12.30 -5.08
N TYR B 349 -3.94 -12.85 -4.64
CA TYR B 349 -4.68 -13.87 -5.39
C TYR B 349 -5.09 -13.34 -6.76
N LYS B 350 -5.73 -12.17 -6.78
CA LYS B 350 -6.17 -11.53 -8.03
C LYS B 350 -5.00 -11.20 -8.95
N SER B 351 -3.86 -10.85 -8.36
CA SER B 351 -2.66 -10.53 -9.13
C SER B 351 -2.05 -11.76 -9.83
N LEU B 352 -2.07 -12.90 -9.13
CA LEU B 352 -1.52 -14.14 -9.65
C LEU B 352 -2.43 -14.88 -10.63
N MET B 353 -3.74 -14.80 -10.39
CA MET B 353 -4.72 -15.48 -11.24
C MET B 353 -5.33 -14.65 -12.36
N PHE B 354 -5.54 -13.35 -12.12
CA PHE B 354 -6.16 -12.45 -13.10
C PHE B 354 -5.30 -11.30 -13.60
N GLY B 355 -4.25 -10.96 -12.85
CA GLY B 355 -3.35 -9.87 -13.23
C GLY B 355 -2.45 -10.19 -14.42
N PHE B 356 -1.92 -11.41 -14.44
CA PHE B 356 -1.05 -11.86 -15.53
C PHE B 356 -1.75 -12.89 -16.37
N THR B 357 -2.34 -12.44 -17.47
CA THR B 357 -3.03 -13.34 -18.39
C THR B 357 -2.47 -13.14 -19.78
N GLU B 358 -2.62 -14.14 -20.66
CA GLU B 358 -2.14 -14.06 -22.05
C GLU B 358 -2.82 -12.90 -22.78
N THR B 359 -4.10 -12.70 -22.48
CA THR B 359 -4.91 -11.65 -23.07
C THR B 359 -4.49 -10.24 -22.67
N ASN B 360 -4.29 -9.97 -21.38
CA ASN B 360 -3.87 -8.61 -21.00
C ASN B 360 -2.41 -8.28 -21.29
N ILE B 361 -1.59 -9.31 -21.50
CA ILE B 361 -0.19 -9.12 -21.86
C ILE B 361 -0.14 -8.79 -23.36
N ALA B 362 -0.98 -9.47 -24.14
CA ALA B 362 -1.07 -9.28 -25.58
C ALA B 362 -1.61 -7.89 -25.89
N GLU B 363 -2.48 -7.41 -25.01
CA GLU B 363 -3.08 -6.08 -25.12
C GLU B 363 -2.02 -5.00 -24.86
N ASN B 364 -1.29 -5.14 -23.75
CA ASN B 364 -0.26 -4.19 -23.35
C ASN B 364 0.94 -4.12 -24.32
N TYR B 365 1.26 -5.26 -24.91
CA TYR B 365 2.37 -5.39 -25.86
C TYR B 365 2.00 -5.16 -27.32
N LYS B 366 0.70 -4.97 -27.58
CA LYS B 366 0.15 -4.73 -28.92
C LYS B 366 0.47 -5.92 -29.85
N ILE B 367 0.32 -7.12 -29.29
CA ILE B 367 0.53 -8.38 -29.99
C ILE B 367 -0.85 -8.96 -30.24
N LYS B 368 -1.02 -9.59 -31.40
CA LYS B 368 -2.29 -10.23 -31.74
C LYS B 368 -2.31 -11.65 -31.21
N THR B 369 -3.43 -12.01 -30.59
CA THR B 369 -3.66 -13.35 -30.07
C THR B 369 -5.11 -13.70 -30.33
N ARG B 370 -5.45 -14.97 -30.16
CA ARG B 370 -6.82 -15.45 -30.34
C ARG B 370 -7.80 -14.90 -29.31
N ALA B 371 -9.09 -14.93 -29.64
CA ALA B 371 -10.15 -14.42 -28.77
C ALA B 371 -10.40 -15.28 -27.54
N SER B 372 -10.09 -16.57 -27.65
CA SER B 372 -10.26 -17.53 -26.55
C SER B 372 -9.31 -18.72 -26.67
N TYR B 373 -9.12 -19.44 -25.57
CA TYR B 373 -8.28 -20.64 -25.56
C TYR B 373 -9.14 -21.73 -26.22
N PHE B 374 -10.45 -21.48 -26.21
CA PHE B 374 -11.46 -22.34 -26.84
C PHE B 374 -11.44 -22.03 -28.33
N SER B 375 -10.38 -22.48 -28.99
CA SER B 375 -10.24 -22.26 -30.42
C SER B 375 -9.40 -23.34 -31.04
N ASP B 376 -9.81 -23.73 -32.25
CA ASP B 376 -9.20 -24.76 -33.07
C ASP B 376 -7.70 -24.62 -33.25
N SER B 377 -7.04 -25.76 -33.36
CA SER B 377 -5.61 -25.79 -33.58
C SER B 377 -5.39 -25.71 -35.09
N LEU B 378 -4.59 -24.74 -35.53
CA LEU B 378 -4.23 -24.58 -36.94
C LEU B 378 -2.77 -25.06 -37.04
N PRO B 379 -2.27 -25.39 -38.26
CA PRO B 379 -0.87 -25.86 -38.37
C PRO B 379 0.15 -24.82 -37.98
N PRO B 380 1.25 -25.22 -37.30
CA PRO B 380 2.26 -24.23 -36.93
C PRO B 380 3.12 -23.83 -38.15
N VAL B 381 3.83 -22.71 -38.04
CA VAL B 381 4.73 -22.25 -39.09
C VAL B 381 6.08 -22.03 -38.41
N LYS B 382 7.13 -21.92 -39.23
CA LYS B 382 8.48 -21.71 -38.73
C LYS B 382 8.95 -20.28 -39.00
N ILE B 383 9.40 -19.60 -37.95
CA ILE B 383 9.94 -18.25 -38.08
C ILE B 383 11.44 -18.48 -38.25
N LYS B 384 11.93 -18.14 -39.44
CA LYS B 384 13.31 -18.31 -39.83
C LYS B 384 14.37 -17.53 -39.09
N ASN B 385 14.13 -16.23 -38.88
CA ASN B 385 15.11 -15.41 -38.17
C ASN B 385 14.54 -14.37 -37.23
N LEU B 386 14.47 -14.75 -35.96
CA LEU B 386 13.99 -13.90 -34.89
C LEU B 386 15.12 -12.96 -34.51
N LEU B 387 16.35 -13.38 -34.83
CA LEU B 387 17.57 -12.63 -34.56
C LEU B 387 17.84 -11.46 -35.51
N ASP B 388 17.02 -11.35 -36.55
CA ASP B 388 17.13 -10.27 -37.54
C ASP B 388 16.14 -9.16 -37.19
N ASN B 389 16.67 -7.99 -36.85
CA ASN B 389 15.86 -6.82 -36.48
C ASN B 389 14.96 -6.23 -37.56
N GLU B 390 15.09 -6.76 -38.78
CA GLU B 390 14.30 -6.35 -39.95
C GLU B 390 12.98 -7.15 -39.95
N ILE B 391 13.01 -8.30 -39.30
CA ILE B 391 11.87 -9.22 -39.19
C ILE B 391 11.23 -9.17 -37.81
N TYR B 392 12.06 -9.12 -36.77
CA TYR B 392 11.60 -9.12 -35.38
C TYR B 392 12.48 -8.27 -34.47
N THR B 393 11.86 -7.40 -33.67
CA THR B 393 12.61 -6.54 -32.73
C THR B 393 12.18 -6.77 -31.29
N ILE B 394 13.01 -6.27 -30.37
CA ILE B 394 12.76 -6.34 -28.94
C ILE B 394 11.54 -5.47 -28.57
N GLU B 395 11.49 -4.29 -29.19
CA GLU B 395 10.46 -3.30 -28.94
C GLU B 395 9.08 -3.54 -29.52
N GLU B 396 9.01 -3.97 -30.77
CA GLU B 396 7.72 -4.17 -31.46
C GLU B 396 7.38 -5.57 -31.96
N GLY B 397 8.32 -6.50 -31.86
CA GLY B 397 8.07 -7.86 -32.33
C GLY B 397 8.08 -7.87 -33.85
N PHE B 398 7.08 -8.50 -34.45
CA PHE B 398 6.94 -8.56 -35.91
C PHE B 398 6.26 -7.28 -36.42
N ASN B 399 5.48 -6.65 -35.53
CA ASN B 399 4.72 -5.45 -35.83
C ASN B 399 5.57 -4.16 -35.85
N ILE B 400 6.61 -4.16 -36.69
CA ILE B 400 7.57 -3.05 -36.82
C ILE B 400 7.04 -1.83 -37.62
N SER B 401 7.10 -0.65 -36.98
CA SER B 401 6.65 0.62 -37.58
C SER B 401 7.43 1.10 -38.80
N ASP B 402 8.75 0.95 -38.73
CA ASP B 402 9.70 1.33 -39.77
C ASP B 402 9.53 0.44 -41.03
N LYS B 403 8.83 -0.69 -40.86
CA LYS B 403 8.56 -1.65 -41.94
C LYS B 403 7.11 -1.65 -42.41
N ASP B 404 6.30 -0.75 -41.83
CA ASP B 404 4.87 -0.58 -42.12
C ASP B 404 3.99 -1.78 -41.69
N MET B 405 4.39 -2.41 -40.59
CA MET B 405 3.70 -3.58 -40.03
C MET B 405 3.00 -3.34 -38.68
N GLU B 406 3.02 -2.09 -38.20
CA GLU B 406 2.41 -1.69 -36.91
C GLU B 406 0.90 -1.52 -36.87
N LYS B 407 0.28 -1.39 -38.03
CA LYS B 407 -1.17 -1.21 -38.15
C LYS B 407 -1.88 -2.52 -38.43
N GLU B 408 -3.04 -2.71 -37.78
CA GLU B 408 -3.90 -3.90 -37.91
C GLU B 408 -3.17 -5.24 -37.76
N TYR B 409 -2.06 -5.21 -37.01
CA TYR B 409 -1.18 -6.36 -36.72
C TYR B 409 -0.73 -7.08 -38.00
N ARG B 410 -0.32 -6.27 -38.98
CA ARG B 410 0.13 -6.71 -40.31
C ARG B 410 1.37 -7.60 -40.27
N GLY B 411 2.24 -7.35 -39.29
CA GLY B 411 3.45 -8.13 -39.11
C GLY B 411 3.19 -9.57 -38.69
N GLN B 412 1.98 -9.83 -38.19
CA GLN B 412 1.58 -11.16 -37.76
C GLN B 412 0.63 -11.81 -38.76
N ASN B 413 0.09 -11.00 -39.69
CA ASN B 413 -0.84 -11.50 -40.72
C ASN B 413 -0.09 -12.37 -41.73
N LYS B 414 -0.56 -13.62 -41.88
CA LYS B 414 0.05 -14.60 -42.77
C LYS B 414 0.01 -14.26 -44.26
N ALA B 415 -1.00 -13.51 -44.68
CA ALA B 415 -1.17 -13.11 -46.07
C ALA B 415 -0.38 -11.86 -46.42
N ILE B 416 0.10 -11.15 -45.39
CA ILE B 416 0.85 -9.92 -45.57
C ILE B 416 2.36 -10.04 -45.30
N ASN B 417 2.75 -10.51 -44.12
CA ASN B 417 4.17 -10.65 -43.75
C ASN B 417 4.75 -12.02 -44.12
N LYS B 418 4.79 -12.31 -45.42
CA LYS B 418 5.28 -13.59 -45.95
C LYS B 418 6.79 -13.84 -45.83
N GLN B 419 7.55 -12.76 -45.69
CA GLN B 419 9.00 -12.85 -45.56
C GLN B 419 9.47 -13.23 -44.13
N ALA B 420 8.55 -13.14 -43.17
CA ALA B 420 8.81 -13.42 -41.77
C ALA B 420 8.79 -14.90 -41.39
N TYR B 421 8.02 -15.69 -42.14
CA TYR B 421 7.86 -17.10 -41.86
C TYR B 421 7.91 -17.93 -43.14
N GLU B 422 7.65 -19.23 -42.97
CA GLU B 422 7.58 -20.18 -44.07
C GLU B 422 6.72 -21.36 -43.63
N GLU B 423 6.04 -21.98 -44.59
CA GLU B 423 5.22 -23.15 -44.33
C GLU B 423 6.20 -24.30 -44.13
N ILE B 424 5.89 -25.18 -43.19
CA ILE B 424 6.75 -26.33 -42.89
C ILE B 424 6.75 -27.34 -44.05
N SER B 425 5.56 -27.61 -44.59
CA SER B 425 5.40 -28.52 -45.73
C SER B 425 4.17 -28.09 -46.52
N LYS B 426 4.00 -28.68 -47.71
CA LYS B 426 2.86 -28.38 -48.59
C LYS B 426 1.53 -28.82 -47.95
N GLU B 427 1.60 -29.86 -47.13
CA GLU B 427 0.44 -30.41 -46.42
C GLU B 427 -0.07 -29.43 -45.35
N HIS B 428 0.87 -28.74 -44.69
CA HIS B 428 0.53 -27.74 -43.65
C HIS B 428 -0.29 -26.60 -44.26
N LEU B 429 0.08 -26.17 -45.47
CA LEU B 429 -0.61 -25.11 -46.21
C LEU B 429 -1.99 -25.56 -46.69
N ALA B 430 -2.09 -26.80 -47.16
CA ALA B 430 -3.35 -27.36 -47.66
C ALA B 430 -4.37 -27.53 -46.54
N VAL B 431 -3.87 -27.86 -45.34
CA VAL B 431 -4.69 -28.03 -44.14
C VAL B 431 -5.12 -26.65 -43.65
N TYR B 432 -4.20 -25.69 -43.71
CA TYR B 432 -4.47 -24.30 -43.32
C TYR B 432 -5.54 -23.70 -44.25
N LYS B 433 -5.44 -23.98 -45.56
CA LYS B 433 -6.40 -23.47 -46.55
C LYS B 433 -7.81 -24.01 -46.37
N ILE B 434 -7.93 -25.28 -45.95
CA ILE B 434 -9.22 -25.91 -45.70
C ILE B 434 -9.91 -25.25 -44.49
N GLN B 435 -9.12 -25.03 -43.43
CA GLN B 435 -9.60 -24.42 -42.18
C GLN B 435 -9.94 -22.94 -42.34
N MET B 436 -9.24 -22.30 -43.27
CA MET B 436 -9.41 -20.89 -43.59
C MET B 436 -10.60 -20.69 -44.53
N CYS B 437 -10.94 -21.74 -45.29
CA CYS B 437 -12.06 -21.67 -46.23
C CYS B 437 -13.31 -22.44 -45.83
N LYS B 438 -13.54 -22.61 -44.52
CA LYS B 438 -14.73 -23.33 -44.01
C LYS B 438 -16.05 -22.60 -44.30
ZN ZN C . 0.61 21.74 23.34
S SO4 D . -21.22 9.92 30.73
O1 SO4 D . -22.31 10.66 30.05
O2 SO4 D . -20.49 10.82 31.65
O3 SO4 D . -21.79 8.76 31.46
O4 SO4 D . -20.25 9.45 29.74
ZN ZN E . -0.95 -23.08 -21.31
S SO4 F . 21.72 -24.83 0.11
O1 SO4 F . 21.54 -23.72 -0.89
O2 SO4 F . 21.18 -24.36 1.41
O3 SO4 F . 21.01 -26.06 -0.34
O4 SO4 F . 23.18 -25.08 0.24
S SO4 G . 13.22 -35.62 -4.00
O1 SO4 G . 13.08 -34.23 -3.56
O2 SO4 G . 13.52 -36.51 -2.83
O3 SO4 G . 11.96 -36.07 -4.66
O4 SO4 G . 14.30 -35.73 -5.04
S SO4 H . 20.86 -16.94 -8.24
O1 SO4 H . 20.05 -15.71 -8.13
O2 SO4 H . 20.76 -17.67 -6.93
O3 SO4 H . 20.35 -17.80 -9.34
O4 SO4 H . 22.27 -16.59 -8.54
#